data_1U60
#
_entry.id   1U60
#
_cell.length_a   50.509
_cell.length_b   155.891
_cell.length_c   164.171
_cell.angle_alpha   90.00
_cell.angle_beta   90.00
_cell.angle_gamma   90.00
#
_symmetry.space_group_name_H-M   'P 21 21 21'
#
loop_
_entity.id
_entity.type
_entity.pdbx_description
1 polymer 'Probable glutaminase ybaS'
2 non-polymer 1,2-ETHANEDIOL
3 non-polymer 'FORMIC ACID'
4 water water
#
_entity_poly.entity_id   1
_entity_poly.type   'polypeptide(L)'
_entity_poly.pdbx_seq_one_letter_code
;MLDANKLQQAVDQAYTQFHSLNGGQNADYIPFLANVPGQLAAVAIVTCDGNVYSAGDSDYRFALESISKVCTLALALEDV
GPQAVQDKIGADPTGLPFNSVIALELHGGKPLSPLVNAGAIATTSLINAENVEQRWQRILHIQQQLAGEQVALSDEVNQS
EQTTNFHNRAIAWLLYSAGYLYCDAMEACDVYTRQCSTLLNTIELATLGATLAAGGVNPLTHKRVLQADNVPYILAEMMM
EGLYGRSGDWAYRVGLPGKSGVGGGILAVVPGVMGIAAFSPPLDEDGNSVRGQKMVASVAKQLGYNVFKG
;
_entity_poly.pdbx_strand_id   A,B,C,D
#
# COMPACT_ATOMS: atom_id res chain seq x y z
N LEU A 2 0.18 -20.40 -14.71
CA LEU A 2 0.92 -20.59 -15.99
C LEU A 2 1.80 -21.83 -15.97
N ASP A 3 1.90 -22.49 -17.12
CA ASP A 3 2.70 -23.71 -17.26
C ASP A 3 4.22 -23.46 -17.42
N ALA A 4 5.00 -23.80 -16.39
CA ALA A 4 6.45 -23.55 -16.38
C ALA A 4 7.18 -24.18 -17.57
N ASN A 5 6.78 -25.39 -17.92
CA ASN A 5 7.38 -26.05 -19.07
C ASN A 5 7.13 -25.29 -20.36
N LYS A 6 5.91 -24.80 -20.57
CA LYS A 6 5.60 -24.07 -21.81
C LYS A 6 6.35 -22.73 -21.85
N LEU A 7 6.51 -22.08 -20.70
CA LEU A 7 7.20 -20.78 -20.66
C LEU A 7 8.69 -20.95 -20.93
N GLN A 8 9.32 -21.94 -20.30
CA GLN A 8 10.72 -22.18 -20.56
C GLN A 8 10.90 -22.61 -22.02
N GLN A 9 9.98 -23.43 -22.55
CA GLN A 9 10.05 -23.83 -23.96
C GLN A 9 9.95 -22.66 -24.90
N ALA A 10 9.09 -21.71 -24.57
CA ALA A 10 8.91 -20.52 -25.39
C ALA A 10 10.16 -19.69 -25.46
N VAL A 11 10.85 -19.41 -24.34
CA VAL A 11 12.07 -18.63 -24.41
C VAL A 11 13.21 -19.43 -25.08
N ASP A 12 13.29 -20.74 -24.79
CA ASP A 12 14.25 -21.62 -25.47
C ASP A 12 14.10 -21.64 -26.99
N GLN A 13 12.89 -21.81 -27.47
CA GLN A 13 12.63 -21.82 -28.91
C GLN A 13 12.84 -20.47 -29.57
N ALA A 14 12.48 -19.38 -28.89
CA ALA A 14 12.76 -18.06 -29.45
C ALA A 14 14.25 -17.82 -29.61
N TYR A 15 15.02 -18.22 -28.60
CA TYR A 15 16.47 -18.07 -28.59
C TYR A 15 17.04 -18.96 -29.71
N THR A 16 16.61 -20.21 -29.77
CA THR A 16 17.19 -21.13 -30.79
C THR A 16 16.95 -20.61 -32.18
N GLN A 17 15.72 -20.16 -32.43
CA GLN A 17 15.30 -19.75 -33.74
C GLN A 17 15.97 -18.46 -34.22
N PHE A 18 16.26 -17.53 -33.31
CA PHE A 18 16.71 -16.19 -33.69
C PHE A 18 18.04 -15.70 -33.14
N HIS A 19 18.69 -16.41 -32.21
CA HIS A 19 19.79 -15.78 -31.43
C HIS A 19 20.98 -15.37 -32.31
N SER A 20 21.15 -16.08 -33.43
CA SER A 20 22.31 -15.88 -34.31
C SER A 20 21.91 -15.22 -35.64
N LEU A 21 20.71 -14.68 -35.69
CA LEU A 21 20.18 -14.06 -36.89
C LEU A 21 21.03 -12.84 -37.25
N ASN A 22 21.54 -12.78 -38.48
CA ASN A 22 22.37 -11.65 -38.91
C ASN A 22 21.50 -10.46 -39.25
N GLY A 23 22.10 -9.27 -39.26
CA GLY A 23 21.44 -8.09 -39.76
C GLY A 23 21.52 -6.97 -38.71
N GLY A 24 21.54 -5.74 -39.19
CA GLY A 24 21.66 -4.59 -38.31
C GLY A 24 23.10 -4.28 -37.87
N GLN A 25 23.26 -3.21 -37.11
CA GLN A 25 24.54 -2.75 -36.64
C GLN A 25 24.44 -2.22 -35.21
N ASN A 26 25.47 -2.42 -34.40
CA ASN A 26 25.49 -1.77 -33.09
C ASN A 26 25.41 -0.27 -33.24
N ALA A 27 24.70 0.37 -32.31
CA ALA A 27 24.89 1.78 -32.05
C ALA A 27 26.39 2.01 -31.87
N ASP A 28 26.91 3.08 -32.48
CA ASP A 28 28.35 3.34 -32.41
C ASP A 28 28.74 4.81 -32.23
N TYR A 29 27.83 5.62 -31.73
CA TYR A 29 28.12 7.03 -31.54
C TYR A 29 28.99 7.28 -30.32
N ILE A 30 29.08 6.28 -29.42
CA ILE A 30 30.06 6.28 -28.33
C ILE A 30 30.74 4.91 -28.37
N PRO A 31 32.02 4.85 -28.02
CA PRO A 31 32.75 3.58 -28.08
C PRO A 31 32.17 2.44 -27.25
N PHE A 32 31.64 2.72 -26.07
CA PHE A 32 31.11 1.69 -25.23
C PHE A 32 30.08 0.86 -26.04
N LEU A 33 29.13 1.53 -26.68
CA LEU A 33 28.10 0.82 -27.46
C LEU A 33 28.70 0.10 -28.67
N ALA A 34 29.65 0.76 -29.35
CA ALA A 34 30.27 0.19 -30.53
C ALA A 34 31.00 -1.14 -30.23
N ASN A 35 31.50 -1.25 -29.00
CA ASN A 35 32.40 -2.31 -28.54
C ASN A 35 31.68 -3.47 -27.86
N VAL A 36 30.37 -3.34 -27.63
CA VAL A 36 29.64 -4.47 -27.02
C VAL A 36 29.67 -5.63 -28.00
N PRO A 37 30.11 -6.83 -27.58
CA PRO A 37 30.20 -7.94 -28.53
C PRO A 37 28.85 -8.19 -29.20
N GLY A 38 28.84 -8.17 -30.53
CA GLY A 38 27.61 -8.17 -31.31
C GLY A 38 26.82 -9.46 -31.32
N GLN A 39 27.44 -10.59 -30.94
CA GLN A 39 26.78 -11.86 -30.93
C GLN A 39 25.93 -12.13 -29.67
N LEU A 40 26.11 -11.31 -28.64
CA LEU A 40 25.36 -11.51 -27.40
C LEU A 40 23.88 -11.44 -27.69
N ALA A 41 23.12 -12.32 -27.04
CA ALA A 41 21.70 -12.41 -27.27
C ALA A 41 21.01 -13.13 -26.12
N ALA A 42 19.85 -12.61 -25.68
CA ALA A 42 19.10 -13.15 -24.55
C ALA A 42 17.64 -12.85 -24.70
N VAL A 43 16.85 -13.71 -24.09
CA VAL A 43 15.42 -13.49 -23.98
C VAL A 43 14.94 -14.03 -22.64
N ALA A 44 13.97 -13.35 -22.05
CA ALA A 44 13.46 -13.73 -20.73
C ALA A 44 11.99 -13.38 -20.55
N ILE A 45 11.34 -14.17 -19.67
CA ILE A 45 10.03 -13.88 -19.13
C ILE A 45 10.16 -13.74 -17.60
N VAL A 46 9.50 -12.71 -17.06
CA VAL A 46 9.24 -12.62 -15.66
C VAL A 46 7.72 -12.52 -15.48
N THR A 47 7.13 -13.47 -14.77
CA THR A 47 5.66 -13.51 -14.64
C THR A 47 5.21 -12.65 -13.49
N CYS A 48 3.92 -12.33 -13.49
CA CYS A 48 3.30 -11.58 -12.41
CA CYS A 48 3.28 -11.57 -12.42
C CYS A 48 3.33 -12.30 -11.09
N ASP A 49 3.59 -13.59 -11.12
CA ASP A 49 3.79 -14.37 -9.89
C ASP A 49 5.23 -14.52 -9.46
N GLY A 50 6.17 -13.87 -10.15
CA GLY A 50 7.55 -13.85 -9.76
C GLY A 50 8.42 -15.03 -10.22
N ASN A 51 7.96 -15.76 -11.20
CA ASN A 51 8.75 -16.81 -11.82
C ASN A 51 9.55 -16.28 -13.00
N VAL A 52 10.75 -16.80 -13.19
CA VAL A 52 11.71 -16.26 -14.15
C VAL A 52 12.18 -17.37 -15.06
N TYR A 53 12.13 -17.14 -16.36
CA TYR A 53 12.53 -18.10 -17.38
C TYR A 53 13.41 -17.36 -18.37
N SER A 54 14.58 -17.90 -18.71
CA SER A 54 15.42 -17.21 -19.69
C SER A 54 16.27 -18.14 -20.51
N ALA A 55 16.84 -17.58 -21.57
CA ALA A 55 17.75 -18.26 -22.48
C ALA A 55 18.75 -17.26 -22.98
N GLY A 56 19.97 -17.74 -23.25
CA GLY A 56 21.03 -16.88 -23.71
C GLY A 56 21.75 -16.15 -22.63
N ASP A 57 22.33 -15.02 -23.04
CA ASP A 57 23.20 -14.19 -22.21
C ASP A 57 22.40 -13.28 -21.26
N SER A 58 21.51 -13.87 -20.51
CA SER A 58 20.49 -13.13 -19.79
C SER A 58 20.95 -12.37 -18.54
N ASP A 59 22.17 -12.63 -18.07
CA ASP A 59 22.80 -11.84 -17.01
C ASP A 59 23.63 -10.65 -17.51
N TYR A 60 23.92 -10.58 -18.81
CA TYR A 60 24.80 -9.59 -19.37
C TYR A 60 24.15 -8.21 -19.28
N ARG A 61 24.81 -7.26 -18.61
CA ARG A 61 24.21 -5.94 -18.35
C ARG A 61 24.60 -4.95 -19.46
N PHE A 62 23.57 -4.41 -20.13
CA PHE A 62 23.71 -3.53 -21.29
C PHE A 62 23.10 -2.18 -20.91
N ALA A 63 23.38 -1.15 -21.70
CA ALA A 63 22.90 0.23 -21.38
C ALA A 63 21.41 0.34 -21.61
N LEU A 64 20.71 0.84 -20.61
CA LEU A 64 19.27 1.03 -20.61
C LEU A 64 18.83 1.95 -21.74
N GLU A 65 19.56 3.05 -21.89
CA GLU A 65 19.32 4.10 -22.85
C GLU A 65 17.86 4.53 -22.85
N SER A 66 17.18 4.59 -24.01
CA SER A 66 15.88 5.25 -24.01
C SER A 66 14.80 4.38 -23.34
N ILE A 67 15.11 3.15 -22.96
CA ILE A 67 14.12 2.44 -22.14
C ILE A 67 13.88 3.18 -20.82
N SER A 68 14.89 3.93 -20.35
CA SER A 68 14.75 4.80 -19.19
C SER A 68 13.52 5.74 -19.26
N LYS A 69 13.05 6.05 -20.47
CA LYS A 69 11.88 6.93 -20.68
C LYS A 69 10.64 6.38 -19.97
N VAL A 70 10.55 5.04 -19.91
CA VAL A 70 9.35 4.41 -19.33
C VAL A 70 9.41 4.65 -17.82
N CYS A 71 10.60 4.50 -17.24
CA CYS A 71 10.72 4.61 -15.78
C CYS A 71 10.46 6.05 -15.30
N THR A 72 10.97 7.04 -16.03
CA THR A 72 10.78 8.41 -15.59
C THR A 72 9.34 8.82 -15.81
N LEU A 73 8.73 8.33 -16.89
CA LEU A 73 7.32 8.55 -17.10
C LEU A 73 6.54 8.02 -15.88
N ALA A 74 6.88 6.81 -15.46
CA ALA A 74 6.16 6.18 -14.34
C ALA A 74 6.27 7.09 -13.10
N LEU A 75 7.47 7.63 -12.85
CA LEU A 75 7.65 8.54 -11.73
C LEU A 75 6.86 9.84 -11.88
N ALA A 76 6.84 10.39 -13.09
CA ALA A 76 6.12 11.65 -13.31
C ALA A 76 4.65 11.44 -13.02
N LEU A 77 4.11 10.29 -13.42
CA LEU A 77 2.72 9.99 -13.15
C LEU A 77 2.43 9.90 -11.66
N GLU A 78 3.33 9.30 -10.90
CA GLU A 78 3.17 9.19 -9.46
C GLU A 78 3.26 10.59 -8.83
N ASP A 79 4.17 11.42 -9.35
CA ASP A 79 4.38 12.77 -8.82
C ASP A 79 3.27 13.77 -9.12
N VAL A 80 2.81 13.86 -10.38
CA VAL A 80 1.91 14.93 -10.80
C VAL A 80 0.56 14.45 -11.38
N GLY A 81 0.45 13.16 -11.65
CA GLY A 81 -0.78 12.51 -12.08
C GLY A 81 -0.96 12.55 -13.59
N PRO A 82 -1.91 11.79 -14.12
CA PRO A 82 -2.04 11.66 -15.57
C PRO A 82 -2.49 12.89 -16.31
N GLN A 83 -3.36 13.70 -15.69
CA GLN A 83 -3.80 14.91 -16.39
C GLN A 83 -2.62 15.86 -16.65
N ALA A 84 -1.76 16.05 -15.65
CA ALA A 84 -0.62 16.89 -15.80
C ALA A 84 0.35 16.38 -16.83
N VAL A 85 0.58 15.06 -16.87
CA VAL A 85 1.45 14.51 -17.86
C VAL A 85 0.88 14.75 -19.27
N GLN A 86 -0.43 14.59 -19.42
CA GLN A 86 -1.07 14.75 -20.75
C GLN A 86 -0.99 16.24 -21.22
N ASP A 87 -1.19 17.17 -20.28
CA ASP A 87 -1.15 18.60 -20.55
C ASP A 87 0.27 19.13 -20.82
N LYS A 88 1.22 18.69 -19.99
CA LYS A 88 2.59 19.22 -20.01
C LYS A 88 3.56 18.48 -20.95
N ILE A 89 3.23 17.24 -21.33
CA ILE A 89 4.10 16.42 -22.15
C ILE A 89 3.30 15.96 -23.37
N GLY A 90 2.21 15.23 -23.14
CA GLY A 90 1.39 14.73 -24.24
C GLY A 90 1.23 13.24 -24.21
N ALA A 91 0.32 12.74 -25.03
CA ALA A 91 0.02 11.33 -25.17
C ALA A 91 -0.02 10.88 -26.65
N ASP A 92 0.52 11.66 -27.59
CA ASP A 92 0.34 11.36 -29.02
C ASP A 92 1.65 11.02 -29.75
N PRO A 93 1.60 10.08 -30.70
CA PRO A 93 2.78 9.80 -31.54
C PRO A 93 3.09 10.98 -32.47
N THR A 94 4.38 11.17 -32.74
CA THR A 94 4.82 12.26 -33.60
C THR A 94 4.88 12.00 -35.10
N GLY A 95 4.86 10.73 -35.50
CA GLY A 95 5.07 10.33 -36.89
C GLY A 95 6.50 10.50 -37.39
N LEU A 96 7.43 10.82 -36.49
CA LEU A 96 8.78 11.28 -36.89
C LEU A 96 9.87 10.68 -35.96
N PRO A 97 11.13 10.73 -36.37
CA PRO A 97 12.20 10.06 -35.64
C PRO A 97 12.36 10.53 -34.18
N PHE A 98 13.04 9.70 -33.42
CA PHE A 98 13.29 9.91 -32.00
C PHE A 98 13.79 11.29 -31.59
N ASN A 99 14.54 11.93 -32.48
CA ASN A 99 15.17 13.22 -32.20
C ASN A 99 14.66 14.37 -33.08
N SER A 100 13.47 14.20 -33.64
CA SER A 100 12.95 15.14 -34.63
C SER A 100 12.60 16.49 -34.08
N VAL A 101 13.31 17.54 -34.52
CA VAL A 101 12.90 18.91 -34.20
C VAL A 101 11.78 19.44 -35.11
N ILE A 102 11.59 18.86 -36.30
CA ILE A 102 10.44 19.19 -37.15
C ILE A 102 9.16 18.91 -36.35
N ALA A 103 9.14 17.75 -35.68
CA ALA A 103 8.02 17.39 -34.82
C ALA A 103 7.66 18.50 -33.84
N LEU A 104 8.66 19.04 -33.15
CA LEU A 104 8.41 20.08 -32.22
C LEU A 104 7.83 21.30 -32.89
N GLU A 105 8.46 21.75 -33.97
CA GLU A 105 8.08 23.05 -34.53
C GLU A 105 6.70 22.98 -35.13
N LEU A 106 6.32 21.81 -35.61
CA LEU A 106 4.97 21.59 -36.13
C LEU A 106 3.86 21.56 -35.07
N HIS A 107 4.22 21.48 -33.79
CA HIS A 107 3.22 21.36 -32.72
C HIS A 107 3.44 22.45 -31.70
N GLY A 108 3.98 23.56 -32.19
CA GLY A 108 4.21 24.75 -31.38
C GLY A 108 5.12 24.55 -30.18
N GLY A 109 6.08 23.64 -30.28
CA GLY A 109 7.02 23.41 -29.18
C GLY A 109 6.60 22.27 -28.24
N LYS A 110 5.37 21.78 -28.38
CA LYS A 110 4.89 20.70 -27.52
C LYS A 110 5.51 19.39 -27.95
N PRO A 111 6.11 18.64 -27.02
CA PRO A 111 6.81 17.40 -27.39
C PRO A 111 5.95 16.20 -27.72
N LEU A 112 4.65 16.26 -27.49
CA LEU A 112 3.67 15.22 -27.82
C LEU A 112 3.73 13.93 -27.10
N SER A 113 4.91 13.32 -26.98
CA SER A 113 5.05 12.00 -26.34
C SER A 113 6.21 12.00 -25.36
N PRO A 114 6.02 11.44 -24.15
CA PRO A 114 7.15 11.26 -23.20
C PRO A 114 8.19 10.26 -23.68
N LEU A 115 7.90 9.56 -24.77
CA LEU A 115 8.80 8.54 -25.30
C LEU A 115 9.64 8.92 -26.50
N VAL A 116 9.47 10.13 -27.06
CA VAL A 116 10.49 10.65 -27.97
C VAL A 116 11.48 11.47 -27.13
N ASN A 117 12.65 11.76 -27.66
CA ASN A 117 13.67 12.40 -26.81
C ASN A 117 13.19 13.73 -26.17
N ALA A 118 12.51 14.54 -26.97
CA ALA A 118 12.06 15.85 -26.50
C ALA A 118 11.05 15.65 -25.35
N GLY A 119 10.07 14.77 -25.53
CA GLY A 119 9.14 14.50 -24.47
C GLY A 119 9.78 13.92 -23.22
N ALA A 120 10.82 13.12 -23.39
CA ALA A 120 11.44 12.45 -22.29
C ALA A 120 12.23 13.46 -21.48
N ILE A 121 12.91 14.37 -22.17
CA ILE A 121 13.66 15.42 -21.48
C ILE A 121 12.70 16.32 -20.68
N ALA A 122 11.55 16.60 -21.25
CA ALA A 122 10.48 17.36 -20.57
C ALA A 122 9.90 16.59 -19.39
N THR A 123 9.76 15.27 -19.52
CA THR A 123 9.23 14.42 -18.44
C THR A 123 10.29 14.39 -17.28
N THR A 124 11.56 14.22 -17.62
CA THR A 124 12.62 14.29 -16.63
C THR A 124 12.58 15.62 -15.87
N SER A 125 12.27 16.72 -16.54
CA SER A 125 12.21 18.04 -15.92
C SER A 125 10.96 18.25 -15.05
N LEU A 126 9.94 17.43 -15.28
CA LEU A 126 8.63 17.46 -14.59
C LEU A 126 8.63 16.79 -13.23
N ILE A 127 9.58 15.87 -12.99
CA ILE A 127 9.75 15.13 -11.73
C ILE A 127 9.87 16.12 -10.55
N ASN A 128 9.26 15.80 -9.40
CA ASN A 128 9.45 16.63 -8.21
C ASN A 128 10.91 16.52 -7.72
N ALA A 129 11.55 17.65 -7.46
CA ALA A 129 12.95 17.66 -7.01
C ALA A 129 13.33 19.06 -6.55
N GLU A 130 14.07 19.14 -5.45
CA GLU A 130 14.56 20.42 -4.92
C GLU A 130 15.81 20.88 -5.62
N ASN A 131 16.55 19.94 -6.19
CA ASN A 131 17.82 20.24 -6.89
C ASN A 131 18.21 19.08 -7.81
N VAL A 132 19.25 19.27 -8.59
CA VAL A 132 19.59 18.33 -9.69
C VAL A 132 19.95 16.94 -9.15
N GLU A 133 20.69 16.89 -8.05
CA GLU A 133 21.06 15.58 -7.52
C GLU A 133 19.90 14.80 -6.95
N GLN A 134 18.94 15.47 -6.31
CA GLN A 134 17.73 14.80 -5.85
C GLN A 134 16.95 14.30 -7.07
N ARG A 135 16.91 15.09 -8.13
CA ARG A 135 16.19 14.70 -9.34
C ARG A 135 16.77 13.36 -9.84
N TRP A 136 18.09 13.24 -9.83
CA TRP A 136 18.78 12.04 -10.31
C TRP A 136 18.51 10.91 -9.35
N GLN A 137 18.66 11.17 -8.05
CA GLN A 137 18.50 10.12 -7.05
C GLN A 137 17.11 9.50 -7.14
N ARG A 138 16.07 10.31 -7.36
CA ARG A 138 14.70 9.79 -7.36
C ARG A 138 14.46 8.94 -8.61
N ILE A 139 15.04 9.33 -9.74
CA ILE A 139 14.94 8.55 -11.00
C ILE A 139 15.71 7.25 -10.92
N LEU A 140 16.95 7.29 -10.39
CA LEU A 140 17.75 6.08 -10.18
C LEU A 140 16.97 5.10 -9.28
N HIS A 141 16.33 5.63 -8.24
CA HIS A 141 15.61 4.80 -7.28
C HIS A 141 14.42 4.11 -7.95
N ILE A 142 13.65 4.82 -8.75
CA ILE A 142 12.54 4.16 -9.42
C ILE A 142 12.99 3.10 -10.42
N GLN A 143 14.09 3.35 -11.14
CA GLN A 143 14.65 2.29 -12.01
C GLN A 143 14.98 1.02 -11.19
N GLN A 144 15.63 1.19 -10.04
CA GLN A 144 15.93 0.07 -9.18
C GLN A 144 14.69 -0.62 -8.62
N GLN A 145 13.67 0.17 -8.26
CA GLN A 145 12.43 -0.39 -7.77
C GLN A 145 11.69 -1.19 -8.83
N LEU A 146 11.71 -0.70 -10.06
CA LEU A 146 10.96 -1.35 -11.17
C LEU A 146 11.69 -2.56 -11.76
N ALA A 147 13.02 -2.51 -11.86
CA ALA A 147 13.80 -3.50 -12.60
C ALA A 147 14.81 -4.31 -11.77
N GLY A 148 15.24 -3.74 -10.64
CA GLY A 148 16.14 -4.46 -9.76
C GLY A 148 17.18 -3.59 -9.12
N GLU A 149 17.58 -3.96 -7.90
CA GLU A 149 18.44 -3.11 -7.11
C GLU A 149 19.84 -2.98 -7.69
N GLN A 150 20.26 -3.89 -8.56
CA GLN A 150 21.62 -3.83 -9.12
C GLN A 150 21.72 -2.80 -10.26
N VAL A 151 20.61 -2.27 -10.74
CA VAL A 151 20.66 -1.26 -11.80
C VAL A 151 21.43 -0.07 -11.26
N ALA A 152 22.43 0.38 -12.02
CA ALA A 152 23.35 1.41 -11.57
C ALA A 152 24.00 2.15 -12.72
N LEU A 153 24.31 3.42 -12.51
CA LEU A 153 24.96 4.25 -13.51
C LEU A 153 26.34 3.65 -13.89
N SER A 154 26.58 3.53 -15.20
CA SER A 154 27.91 3.33 -15.78
C SER A 154 28.63 4.68 -15.94
N ASP A 155 29.72 4.87 -15.18
CA ASP A 155 30.52 6.08 -15.33
C ASP A 155 31.03 6.26 -16.73
N GLU A 156 31.49 5.18 -17.35
CA GLU A 156 32.01 5.23 -18.70
C GLU A 156 30.94 5.66 -19.69
N VAL A 157 29.76 5.04 -19.60
CA VAL A 157 28.69 5.40 -20.56
C VAL A 157 28.25 6.84 -20.33
N ASN A 158 28.02 7.21 -19.07
CA ASN A 158 27.61 8.58 -18.70
C ASN A 158 28.63 9.62 -19.18
N GLN A 159 29.92 9.40 -18.93
CA GLN A 159 30.92 10.36 -19.41
C GLN A 159 30.92 10.52 -20.94
N SER A 160 30.76 9.42 -21.67
CA SER A 160 30.69 9.44 -23.12
C SER A 160 29.44 10.15 -23.64
N GLU A 161 28.30 9.82 -23.04
CA GLU A 161 27.02 10.45 -23.43
C GLU A 161 27.00 11.94 -23.12
N GLN A 162 27.56 12.33 -21.96
CA GLN A 162 27.51 13.69 -21.46
C GLN A 162 28.33 14.61 -22.36
N THR A 163 29.32 14.02 -23.04
CA THR A 163 30.26 14.81 -23.84
C THR A 163 29.99 14.72 -25.32
N THR A 164 28.92 14.01 -25.69
CA THR A 164 28.45 13.94 -27.07
C THR A 164 26.98 14.31 -27.33
N ASN A 165 26.27 14.77 -26.32
CA ASN A 165 24.80 14.93 -26.38
C ASN A 165 24.34 16.31 -26.83
N PHE A 166 25.09 16.89 -27.76
CA PHE A 166 24.81 18.25 -28.25
C PHE A 166 23.41 18.43 -28.82
N HIS A 167 22.91 17.44 -29.55
CA HIS A 167 21.61 17.59 -30.12
C HIS A 167 20.51 17.58 -29.01
N ASN A 168 20.68 16.79 -27.94
CA ASN A 168 19.75 16.85 -26.82
C ASN A 168 19.83 18.18 -26.05
N ARG A 169 21.00 18.80 -26.00
CA ARG A 169 21.15 20.16 -25.42
C ARG A 169 20.31 21.13 -26.19
N ALA A 170 20.34 21.02 -27.51
CA ALA A 170 19.48 21.83 -28.36
C ALA A 170 18.00 21.64 -28.07
N ILE A 171 17.57 20.37 -28.03
CA ILE A 171 16.19 20.05 -27.72
C ILE A 171 15.75 20.61 -26.36
N ALA A 172 16.60 20.51 -25.35
CA ALA A 172 16.28 21.05 -24.05
C ALA A 172 16.00 22.55 -24.13
N TRP A 173 16.82 23.28 -24.87
CA TRP A 173 16.63 24.71 -25.01
C TRP A 173 15.37 25.04 -25.83
N LEU A 174 15.06 24.26 -26.87
CA LEU A 174 13.83 24.45 -27.59
C LEU A 174 12.58 24.27 -26.72
N LEU A 175 12.57 23.20 -25.95
CA LEU A 175 11.52 23.00 -24.93
C LEU A 175 11.44 24.18 -23.94
N TYR A 176 12.56 24.59 -23.39
CA TYR A 176 12.60 25.63 -22.38
C TYR A 176 12.03 26.93 -22.97
N SER A 177 12.44 27.21 -24.21
CA SER A 177 12.03 28.42 -24.90
C SER A 177 10.51 28.44 -25.14
N ALA A 178 9.93 27.27 -25.40
CA ALA A 178 8.54 27.12 -25.81
C ALA A 178 7.61 27.03 -24.63
N GLY A 179 8.16 26.86 -23.43
CA GLY A 179 7.29 26.68 -22.28
C GLY A 179 7.05 25.23 -21.90
N TYR A 180 7.75 24.29 -22.53
CA TYR A 180 7.55 22.86 -22.24
C TYR A 180 8.72 22.19 -21.50
N LEU A 181 9.42 22.97 -20.67
CA LEU A 181 10.46 22.45 -19.80
C LEU A 181 10.30 23.05 -18.45
N TYR A 182 10.34 22.22 -17.42
CA TYR A 182 9.84 22.57 -16.07
C TYR A 182 10.94 22.67 -15.04
N CYS A 183 12.17 22.66 -15.52
CA CYS A 183 13.34 23.01 -14.68
C CYS A 183 14.41 23.59 -15.58
N ASP A 184 15.52 23.96 -15.01
CA ASP A 184 16.67 24.47 -15.75
C ASP A 184 17.04 23.53 -16.91
N ALA A 185 17.31 24.08 -18.11
CA ALA A 185 17.50 23.28 -19.32
C ALA A 185 18.68 22.32 -19.17
N MET A 186 19.80 22.78 -18.62
CA MET A 186 20.99 21.94 -18.60
C MET A 186 20.87 20.89 -17.49
N GLU A 187 20.19 21.21 -16.38
CA GLU A 187 19.81 20.19 -15.39
C GLU A 187 18.98 19.06 -15.99
N ALA A 188 17.94 19.43 -16.72
CA ALA A 188 17.11 18.41 -17.38
C ALA A 188 17.94 17.55 -18.33
N CYS A 189 18.81 18.19 -19.09
CA CYS A 189 19.59 17.48 -20.09
C CYS A 189 20.56 16.55 -19.38
N ASP A 190 21.20 17.03 -18.32
CA ASP A 190 22.15 16.24 -17.57
C ASP A 190 21.45 14.98 -17.01
N VAL A 191 20.33 15.16 -16.34
CA VAL A 191 19.71 14.01 -15.66
C VAL A 191 19.18 13.03 -16.69
N TYR A 192 18.63 13.56 -17.77
CA TYR A 192 18.15 12.70 -18.85
C TYR A 192 19.31 11.81 -19.37
N THR A 193 20.48 12.41 -19.55
CA THR A 193 21.68 11.68 -19.96
C THR A 193 22.07 10.58 -18.97
N ARG A 194 22.04 10.91 -17.70
CA ARG A 194 22.31 9.94 -16.62
C ARG A 194 21.35 8.78 -16.67
N GLN A 195 20.05 9.06 -16.82
CA GLN A 195 19.04 8.00 -16.73
C GLN A 195 19.19 6.99 -17.85
N CYS A 196 19.75 7.44 -18.98
CA CYS A 196 20.05 6.59 -20.11
C CYS A 196 21.32 5.74 -19.96
N SER A 197 22.11 6.05 -18.93
CA SER A 197 23.45 5.54 -18.78
C SER A 197 23.57 4.48 -17.69
N THR A 198 22.48 3.98 -17.15
CA THR A 198 22.52 2.82 -16.26
C THR A 198 22.59 1.52 -17.07
N LEU A 199 23.02 0.46 -16.40
CA LEU A 199 23.12 -0.86 -17.01
C LEU A 199 22.17 -1.85 -16.36
N LEU A 200 21.49 -2.65 -17.18
CA LEU A 200 20.67 -3.74 -16.67
C LEU A 200 20.74 -4.95 -17.58
N ASN A 201 20.36 -6.13 -17.07
CA ASN A 201 20.37 -7.32 -17.89
C ASN A 201 18.98 -7.67 -18.36
N THR A 202 18.87 -8.74 -19.11
CA THR A 202 17.60 -9.05 -19.75
C THR A 202 16.54 -9.44 -18.72
N ILE A 203 16.96 -10.12 -17.65
CA ILE A 203 16.02 -10.47 -16.59
C ILE A 203 15.50 -9.21 -15.91
N GLU A 204 16.39 -8.26 -15.65
CA GLU A 204 16.02 -6.99 -15.05
C GLU A 204 15.07 -6.21 -15.95
N LEU A 205 15.31 -6.23 -17.26
CA LEU A 205 14.38 -5.60 -18.20
C LEU A 205 13.02 -6.25 -18.17
N ALA A 206 12.99 -7.58 -18.20
CA ALA A 206 11.75 -8.31 -18.08
C ALA A 206 11.03 -8.06 -16.79
N THR A 207 11.79 -7.78 -15.71
CA THR A 207 11.21 -7.42 -14.44
C THR A 207 10.47 -6.08 -14.48
N LEU A 208 11.07 -5.07 -15.13
CA LEU A 208 10.39 -3.80 -15.39
C LEU A 208 9.05 -4.12 -16.05
N GLY A 209 9.06 -4.96 -17.06
CA GLY A 209 7.82 -5.39 -17.72
C GLY A 209 6.82 -6.05 -16.79
N ALA A 210 7.30 -6.94 -15.91
CA ALA A 210 6.48 -7.69 -15.02
C ALA A 210 5.88 -6.77 -13.92
N THR A 211 6.60 -5.75 -13.53
CA THR A 211 6.09 -4.80 -12.58
C THR A 211 4.89 -4.08 -13.19
N LEU A 212 5.01 -3.70 -14.47
CA LEU A 212 3.92 -3.06 -15.15
C LEU A 212 2.80 -4.08 -15.35
N ALA A 213 3.11 -5.31 -15.75
CA ALA A 213 2.07 -6.32 -15.97
C ALA A 213 1.26 -6.60 -14.68
N ALA A 214 1.93 -6.53 -13.52
CA ALA A 214 1.34 -6.79 -12.22
C ALA A 214 0.60 -5.57 -11.63
N GLY A 215 0.40 -4.54 -12.45
CA GLY A 215 -0.30 -3.34 -12.05
C GLY A 215 0.51 -2.51 -11.06
N GLY A 216 1.82 -2.58 -11.17
CA GLY A 216 2.64 -1.69 -10.40
C GLY A 216 3.35 -2.35 -9.24
N VAL A 217 3.19 -3.66 -9.12
CA VAL A 217 3.84 -4.46 -8.06
C VAL A 217 4.99 -5.24 -8.65
N ASN A 218 6.18 -5.01 -8.15
CA ASN A 218 7.37 -5.79 -8.56
C ASN A 218 7.25 -7.21 -7.97
N PRO A 219 7.05 -8.22 -8.81
CA PRO A 219 6.76 -9.56 -8.30
C PRO A 219 7.97 -10.27 -7.70
N LEU A 220 9.19 -9.71 -7.85
CA LEU A 220 10.38 -10.32 -7.28
C LEU A 220 10.70 -9.77 -5.91
N THR A 221 10.39 -8.49 -5.69
CA THR A 221 10.63 -7.85 -4.41
C THR A 221 9.31 -7.77 -3.62
N HIS A 222 8.18 -8.15 -4.23
CA HIS A 222 6.84 -8.16 -3.57
C HIS A 222 6.57 -6.79 -2.98
N LYS A 223 6.70 -5.78 -3.82
CA LYS A 223 6.58 -4.39 -3.38
C LYS A 223 5.77 -3.60 -4.40
N ARG A 224 4.79 -2.85 -3.92
CA ARG A 224 4.05 -1.95 -4.80
C ARG A 224 4.88 -0.72 -5.05
N VAL A 225 5.27 -0.49 -6.31
CA VAL A 225 6.07 0.64 -6.73
C VAL A 225 5.19 1.71 -7.35
N LEU A 226 4.21 1.32 -8.16
CA LEU A 226 3.30 2.26 -8.81
C LEU A 226 1.84 2.04 -8.43
N GLN A 227 1.01 3.07 -8.53
CA GLN A 227 -0.41 2.89 -8.37
C GLN A 227 -0.93 2.15 -9.57
N ALA A 228 -1.77 1.16 -9.34
CA ALA A 228 -2.37 0.40 -10.42
C ALA A 228 -3.01 1.27 -11.50
N ASP A 229 -3.68 2.35 -11.08
CA ASP A 229 -4.45 3.19 -12.00
C ASP A 229 -3.52 3.97 -12.93
N ASN A 230 -2.25 4.12 -12.55
CA ASN A 230 -1.26 4.79 -13.41
C ASN A 230 -0.73 3.92 -14.52
N VAL A 231 -0.77 2.61 -14.36
CA VAL A 231 -0.10 1.73 -15.30
C VAL A 231 -0.70 1.79 -16.71
N PRO A 232 -2.02 1.80 -16.87
CA PRO A 232 -2.55 1.85 -18.25
C PRO A 232 -2.07 3.08 -19.06
N TYR A 233 -1.77 4.20 -18.38
CA TYR A 233 -1.28 5.39 -19.09
C TYR A 233 0.11 5.12 -19.63
N ILE A 234 0.91 4.44 -18.83
CA ILE A 234 2.30 4.09 -19.24
C ILE A 234 2.27 3.17 -20.46
N LEU A 235 1.44 2.15 -20.39
CA LEU A 235 1.30 1.21 -21.49
C LEU A 235 0.71 1.81 -22.76
N ALA A 236 -0.22 2.74 -22.62
CA ALA A 236 -0.78 3.44 -23.77
C ALA A 236 0.31 4.23 -24.47
N GLU A 237 1.12 4.94 -23.70
CA GLU A 237 2.21 5.71 -24.28
C GLU A 237 3.19 4.79 -25.04
N MET A 238 3.50 3.64 -24.43
CA MET A 238 4.35 2.65 -25.06
C MET A 238 3.71 2.16 -26.38
N MET A 239 2.42 1.84 -26.39
CA MET A 239 1.80 1.33 -27.61
C MET A 239 1.94 2.38 -28.71
N MET A 240 1.85 3.66 -28.37
CA MET A 240 1.82 4.66 -29.42
CA MET A 240 1.83 4.70 -29.40
C MET A 240 3.21 5.00 -30.00
N GLU A 241 4.25 4.87 -29.20
CA GLU A 241 5.55 5.44 -29.57
C GLU A 241 6.80 4.65 -29.11
N GLY A 242 6.62 3.55 -28.38
CA GLY A 242 7.73 2.87 -27.71
C GLY A 242 8.81 2.30 -28.63
N LEU A 243 8.43 1.98 -29.87
CA LEU A 243 9.41 1.55 -30.90
C LEU A 243 9.58 2.60 -32.00
N TYR A 244 9.32 3.86 -31.65
CA TYR A 244 9.54 5.02 -32.53
C TYR A 244 8.63 4.89 -33.76
N GLY A 245 9.17 5.11 -34.95
CA GLY A 245 8.39 5.08 -36.17
C GLY A 245 7.87 3.70 -36.53
N ARG A 246 8.31 2.68 -35.82
CA ARG A 246 7.83 1.31 -36.07
C ARG A 246 6.91 0.79 -34.98
N SER A 247 6.40 1.71 -34.19
CA SER A 247 5.45 1.32 -33.18
C SER A 247 4.18 0.75 -33.74
N GLY A 248 3.71 1.33 -34.83
CA GLY A 248 2.51 0.81 -35.46
C GLY A 248 2.72 -0.58 -36.02
N ASP A 249 3.86 -0.77 -36.63
CA ASP A 249 4.24 -2.12 -37.14
C ASP A 249 4.29 -3.16 -36.04
N TRP A 250 4.90 -2.78 -34.92
CA TRP A 250 4.84 -3.59 -33.73
C TRP A 250 3.44 -3.87 -33.21
N ALA A 251 2.60 -2.85 -33.12
CA ALA A 251 1.22 -3.10 -32.74
C ALA A 251 0.48 -4.07 -33.67
N TYR A 252 0.75 -3.92 -34.97
CA TYR A 252 0.13 -4.71 -36.05
C TYR A 252 0.56 -6.17 -35.98
N ARG A 253 1.84 -6.41 -35.74
CA ARG A 253 2.40 -7.77 -35.73
C ARG A 253 2.37 -8.52 -34.41
N VAL A 254 2.64 -7.80 -33.31
CA VAL A 254 2.78 -8.36 -31.97
C VAL A 254 1.59 -8.00 -31.06
N GLY A 255 1.12 -6.75 -31.12
CA GLY A 255 -0.02 -6.32 -30.33
C GLY A 255 0.20 -6.27 -28.81
N LEU A 256 1.42 -5.98 -28.42
CA LEU A 256 1.71 -5.74 -27.03
C LEU A 256 2.46 -4.43 -26.88
N PRO A 257 2.17 -3.68 -25.83
CA PRO A 257 2.93 -2.44 -25.56
C PRO A 257 4.38 -2.73 -25.33
N GLY A 258 5.23 -1.98 -26.00
CA GLY A 258 6.66 -2.28 -25.98
C GLY A 258 7.52 -1.03 -25.91
N LYS A 259 8.81 -1.28 -25.74
CA LYS A 259 9.81 -0.21 -25.74
C LYS A 259 11.15 -0.76 -26.16
N SER A 260 11.87 0.01 -26.96
CA SER A 260 13.21 -0.34 -27.36
C SER A 260 14.20 0.70 -26.79
N GLY A 261 15.48 0.31 -26.78
CA GLY A 261 16.61 1.22 -26.48
C GLY A 261 17.82 0.87 -27.34
N VAL A 262 18.74 1.81 -27.49
CA VAL A 262 19.93 1.57 -28.38
C VAL A 262 21.02 0.65 -27.79
N GLY A 263 20.88 0.29 -26.51
CA GLY A 263 21.64 -0.81 -25.93
C GLY A 263 21.27 -2.15 -26.48
N GLY A 264 20.17 -2.25 -27.23
CA GLY A 264 19.73 -3.51 -27.80
C GLY A 264 18.59 -4.21 -27.08
N GLY A 265 18.03 -3.58 -26.06
CA GLY A 265 16.90 -4.09 -25.33
C GLY A 265 15.58 -3.87 -25.99
N ILE A 266 14.69 -4.84 -25.85
CA ILE A 266 13.30 -4.77 -26.27
C ILE A 266 12.49 -5.28 -25.11
N LEU A 267 11.50 -4.48 -24.71
CA LEU A 267 10.55 -4.88 -23.66
C LEU A 267 9.16 -4.97 -24.23
N ALA A 268 8.41 -5.97 -23.79
CA ALA A 268 7.00 -5.96 -24.02
C ALA A 268 6.23 -6.36 -22.75
N VAL A 269 5.02 -5.84 -22.61
CA VAL A 269 4.20 -6.14 -21.44
C VAL A 269 2.94 -6.86 -21.86
N VAL A 270 2.62 -7.96 -21.18
CA VAL A 270 1.34 -8.65 -21.29
C VAL A 270 0.52 -8.27 -20.04
N PRO A 271 -0.41 -7.32 -20.18
CA PRO A 271 -1.12 -6.79 -19.02
C PRO A 271 -1.77 -7.95 -18.22
N GLY A 272 -1.52 -7.94 -16.93
CA GLY A 272 -2.01 -8.99 -16.04
C GLY A 272 -1.23 -10.29 -15.99
N VAL A 273 -0.19 -10.43 -16.80
CA VAL A 273 0.38 -11.76 -17.01
C VAL A 273 1.90 -11.81 -16.85
N MET A 274 2.63 -11.03 -17.63
CA MET A 274 4.09 -11.15 -17.65
C MET A 274 4.78 -10.00 -18.35
N GLY A 275 6.06 -9.81 -18.01
CA GLY A 275 6.98 -9.06 -18.84
C GLY A 275 7.79 -9.99 -19.71
N ILE A 276 8.05 -9.56 -20.94
CA ILE A 276 8.89 -10.30 -21.87
C ILE A 276 9.95 -9.34 -22.34
N ALA A 277 11.18 -9.78 -22.30
CA ALA A 277 12.25 -8.91 -22.78
C ALA A 277 13.27 -9.70 -23.57
N ALA A 278 13.99 -8.99 -24.40
CA ALA A 278 15.18 -9.57 -25.06
C ALA A 278 16.22 -8.54 -25.29
N PHE A 279 17.44 -9.00 -25.67
CA PHE A 279 18.54 -8.16 -25.93
C PHE A 279 19.40 -8.75 -27.01
N SER A 280 19.78 -7.89 -27.94
CA SER A 280 20.95 -8.11 -28.75
C SER A 280 21.45 -6.79 -29.36
N PRO A 281 22.76 -6.51 -29.32
CA PRO A 281 23.24 -5.18 -29.73
C PRO A 281 22.91 -4.71 -31.16
N PRO A 282 22.92 -5.55 -32.20
CA PRO A 282 22.66 -5.02 -33.56
C PRO A 282 21.25 -4.45 -33.73
N LEU A 283 21.17 -3.21 -34.19
CA LEU A 283 19.93 -2.47 -34.36
C LEU A 283 19.55 -2.34 -35.83
N ASP A 284 18.26 -2.27 -36.09
CA ASP A 284 17.78 -1.96 -37.45
C ASP A 284 17.84 -0.45 -37.68
N GLU A 285 17.35 0.00 -38.83
CA GLU A 285 17.42 1.41 -39.19
C GLU A 285 16.59 2.32 -38.30
N ASP A 286 15.64 1.74 -37.58
CA ASP A 286 14.82 2.47 -36.64
C ASP A 286 15.35 2.47 -35.22
N GLY A 287 16.51 1.87 -35.02
CA GLY A 287 17.14 1.86 -33.71
C GLY A 287 16.71 0.73 -32.80
N ASN A 288 16.01 -0.23 -33.38
CA ASN A 288 15.42 -1.34 -32.66
C ASN A 288 16.19 -2.63 -32.91
N SER A 289 16.52 -3.34 -31.83
CA SER A 289 17.31 -4.57 -31.93
C SER A 289 16.69 -5.54 -32.93
N VAL A 290 17.47 -5.98 -33.92
CA VAL A 290 16.96 -6.95 -34.88
C VAL A 290 16.51 -8.25 -34.24
N ARG A 291 17.40 -8.88 -33.49
CA ARG A 291 17.11 -10.14 -32.86
C ARG A 291 16.16 -9.95 -31.65
N GLY A 292 16.35 -8.85 -30.92
CA GLY A 292 15.56 -8.58 -29.72
C GLY A 292 14.08 -8.58 -30.12
N GLN A 293 13.76 -7.89 -31.22
CA GLN A 293 12.38 -7.77 -31.67
C GLN A 293 11.80 -9.12 -31.99
N LYS A 294 12.57 -9.92 -32.73
CA LYS A 294 12.12 -11.22 -33.20
C LYS A 294 11.96 -12.18 -32.02
N MET A 295 12.86 -12.14 -31.05
CA MET A 295 12.77 -13.07 -29.93
C MET A 295 11.54 -12.73 -29.05
N VAL A 296 11.29 -11.45 -28.76
CA VAL A 296 10.11 -11.06 -27.99
C VAL A 296 8.82 -11.41 -28.74
N ALA A 297 8.76 -11.06 -30.03
CA ALA A 297 7.61 -11.40 -30.84
C ALA A 297 7.36 -12.90 -30.84
N SER A 298 8.44 -13.68 -30.93
CA SER A 298 8.31 -15.14 -30.94
C SER A 298 7.67 -15.67 -29.65
N VAL A 299 8.13 -15.22 -28.49
CA VAL A 299 7.56 -15.66 -27.24
C VAL A 299 6.07 -15.32 -27.21
N ALA A 300 5.74 -14.07 -27.58
CA ALA A 300 4.39 -13.60 -27.49
C ALA A 300 3.51 -14.43 -28.46
N LYS A 301 4.04 -14.75 -29.63
CA LYS A 301 3.27 -15.49 -30.64
C LYS A 301 3.05 -16.94 -30.18
N GLN A 302 4.10 -17.53 -29.64
CA GLN A 302 4.03 -18.92 -29.17
C GLN A 302 3.03 -19.05 -28.00
N LEU A 303 2.95 -18.03 -27.14
CA LEU A 303 2.09 -18.11 -25.96
C LEU A 303 0.70 -17.52 -26.20
N GLY A 304 0.48 -16.95 -27.40
CA GLY A 304 -0.83 -16.45 -27.82
C GLY A 304 -1.23 -15.11 -27.19
N TYR A 305 -0.27 -14.25 -26.84
CA TYR A 305 -0.58 -12.93 -26.22
C TYR A 305 -0.55 -11.76 -27.18
N ASN A 306 -1.64 -11.01 -27.19
CA ASN A 306 -1.87 -9.86 -28.09
C ASN A 306 -3.10 -9.16 -27.54
N VAL A 307 -2.98 -7.90 -27.17
CA VAL A 307 -4.11 -7.20 -26.53
C VAL A 307 -5.29 -6.94 -27.49
N PHE A 308 -5.09 -7.14 -28.79
CA PHE A 308 -6.17 -7.01 -29.81
C PHE A 308 -6.89 -8.32 -30.11
N LYS A 309 -6.55 -9.37 -29.36
CA LYS A 309 -7.18 -10.71 -29.49
C LYS A 309 -7.96 -10.94 -28.22
N GLY A 310 -9.27 -11.11 -28.31
CA GLY A 310 -10.06 -11.32 -27.13
C GLY A 310 -9.90 -12.68 -26.51
N LEU B 2 -21.82 -11.70 -19.04
CA LEU B 2 -21.92 -10.24 -18.67
C LEU B 2 -23.18 -9.95 -17.87
N ASP B 3 -23.15 -8.86 -17.12
CA ASP B 3 -24.26 -8.43 -16.29
C ASP B 3 -25.12 -7.42 -17.05
N ALA B 4 -26.26 -7.87 -17.58
CA ALA B 4 -27.06 -7.02 -18.45
C ALA B 4 -27.50 -5.74 -17.73
N ASN B 5 -27.77 -5.83 -16.42
CA ASN B 5 -28.18 -4.65 -15.65
C ASN B 5 -27.03 -3.61 -15.61
N LYS B 6 -25.80 -4.06 -15.49
CA LYS B 6 -24.65 -3.18 -15.48
C LYS B 6 -24.45 -2.49 -16.83
N LEU B 7 -24.64 -3.24 -17.90
CA LEU B 7 -24.53 -2.70 -19.24
C LEU B 7 -25.60 -1.65 -19.53
N GLN B 8 -26.88 -1.99 -19.29
CA GLN B 8 -27.91 -0.97 -19.48
C GLN B 8 -27.70 0.29 -18.62
N GLN B 9 -27.34 0.11 -17.36
CA GLN B 9 -27.04 1.25 -16.47
C GLN B 9 -25.94 2.14 -17.03
N ALA B 10 -24.91 1.54 -17.59
CA ALA B 10 -23.76 2.30 -18.13
C ALA B 10 -24.17 3.15 -19.31
N VAL B 11 -24.93 2.55 -20.22
CA VAL B 11 -25.44 3.25 -21.38
C VAL B 11 -26.36 4.39 -20.93
N ASP B 12 -27.29 4.09 -20.02
CA ASP B 12 -28.18 5.14 -19.55
C ASP B 12 -27.44 6.29 -18.86
N GLN B 13 -26.42 5.98 -18.06
CA GLN B 13 -25.72 7.05 -17.34
C GLN B 13 -24.88 7.88 -18.28
N ALA B 14 -24.27 7.23 -19.28
CA ALA B 14 -23.48 7.96 -20.26
C ALA B 14 -24.33 8.98 -21.01
N TYR B 15 -25.50 8.52 -21.41
CA TYR B 15 -26.43 9.34 -22.15
C TYR B 15 -26.93 10.50 -21.27
N THR B 16 -27.44 10.17 -20.09
CA THR B 16 -27.83 11.22 -19.16
C THR B 16 -26.80 12.30 -18.95
N GLN B 17 -25.56 11.84 -18.75
CA GLN B 17 -24.49 12.73 -18.32
C GLN B 17 -24.01 13.62 -19.44
N PHE B 18 -24.01 13.11 -20.68
CA PHE B 18 -23.31 13.81 -21.78
C PHE B 18 -24.15 14.17 -23.02
N HIS B 19 -25.40 13.71 -23.12
CA HIS B 19 -26.18 13.91 -24.35
C HIS B 19 -26.45 15.38 -24.67
N SER B 20 -26.47 16.26 -23.67
CA SER B 20 -26.60 17.68 -23.98
C SER B 20 -25.38 18.56 -23.71
N LEU B 21 -24.20 17.95 -23.67
CA LEU B 21 -22.96 18.68 -23.46
C LEU B 21 -22.70 19.62 -24.63
N ASN B 22 -22.34 20.86 -24.30
CA ASN B 22 -22.07 21.87 -25.31
C ASN B 22 -20.67 21.77 -25.84
N GLY B 23 -20.47 22.25 -27.05
CA GLY B 23 -19.17 22.22 -27.66
C GLY B 23 -19.23 21.70 -29.08
N GLY B 24 -18.34 22.23 -29.89
CA GLY B 24 -18.16 21.78 -31.24
C GLY B 24 -19.18 22.30 -32.21
N GLN B 25 -19.04 21.87 -33.46
CA GLN B 25 -19.90 22.29 -34.54
C GLN B 25 -20.06 21.15 -35.51
N ASN B 26 -21.23 21.07 -36.12
CA ASN B 26 -21.44 20.14 -37.25
C ASN B 26 -20.40 20.31 -38.37
N ALA B 27 -19.94 19.22 -38.96
CA ALA B 27 -19.31 19.31 -40.27
C ALA B 27 -20.27 20.08 -41.18
N ASP B 28 -19.76 20.99 -41.99
CA ASP B 28 -20.65 21.82 -42.82
C ASP B 28 -20.17 22.07 -44.23
N TYR B 29 -19.19 21.29 -44.66
CA TYR B 29 -18.60 21.45 -45.97
C TYR B 29 -19.56 20.94 -47.07
N ILE B 30 -20.57 20.17 -46.68
CA ILE B 30 -21.73 19.92 -47.57
C ILE B 30 -23.01 20.18 -46.77
N PRO B 31 -24.10 20.59 -47.45
CA PRO B 31 -25.34 20.96 -46.74
C PRO B 31 -25.99 19.82 -45.96
N PHE B 32 -25.91 18.57 -46.42
CA PHE B 32 -26.52 17.46 -45.69
C PHE B 32 -26.00 17.40 -44.26
N LEU B 33 -24.68 17.44 -44.10
CA LEU B 33 -24.05 17.38 -42.77
C LEU B 33 -24.32 18.64 -41.93
N ALA B 34 -24.33 19.80 -42.58
CA ALA B 34 -24.60 21.04 -41.88
C ALA B 34 -26.04 21.09 -41.32
N ASN B 35 -26.96 20.36 -41.95
CA ASN B 35 -28.38 20.46 -41.60
C ASN B 35 -28.89 19.38 -40.67
N VAL B 36 -28.05 18.41 -40.33
CA VAL B 36 -28.48 17.36 -39.43
C VAL B 36 -28.73 18.02 -38.08
N PRO B 37 -29.88 17.80 -37.47
CA PRO B 37 -30.12 18.46 -36.17
C PRO B 37 -29.00 18.21 -35.11
N GLY B 38 -28.39 19.31 -34.64
CA GLY B 38 -27.23 19.23 -33.77
C GLY B 38 -27.47 18.58 -32.43
N GLN B 39 -28.72 18.51 -32.00
CA GLN B 39 -29.08 18.05 -30.66
C GLN B 39 -29.24 16.51 -30.61
N LEU B 40 -29.32 15.86 -31.76
CA LEU B 40 -29.47 14.40 -31.78
C LEU B 40 -28.28 13.75 -31.06
N ALA B 41 -28.54 12.69 -30.30
CA ALA B 41 -27.49 12.00 -29.57
C ALA B 41 -27.95 10.63 -29.20
N ALA B 42 -27.01 9.68 -29.26
CA ALA B 42 -27.31 8.30 -28.96
C ALA B 42 -26.04 7.58 -28.51
N VAL B 43 -26.25 6.48 -27.79
CA VAL B 43 -25.18 5.60 -27.37
C VAL B 43 -25.70 4.18 -27.31
N ALA B 44 -24.84 3.22 -27.64
CA ALA B 44 -25.26 1.83 -27.64
C ALA B 44 -24.12 0.88 -27.43
N ILE B 45 -24.44 -0.26 -26.79
CA ILE B 45 -23.61 -1.45 -26.76
C ILE B 45 -24.24 -2.60 -27.55
N VAL B 46 -23.45 -3.31 -28.33
CA VAL B 46 -23.83 -4.62 -28.89
C VAL B 46 -22.77 -5.63 -28.44
N THR B 47 -23.20 -6.69 -27.76
CA THR B 47 -22.24 -7.63 -27.23
C THR B 47 -21.97 -8.74 -28.20
N CYS B 48 -20.92 -9.50 -27.90
CA CYS B 48 -20.56 -10.66 -28.70
CA CYS B 48 -20.54 -10.66 -28.70
C CYS B 48 -21.63 -11.73 -28.70
N ASP B 49 -22.47 -11.77 -27.66
CA ASP B 49 -23.60 -12.72 -27.62
C ASP B 49 -24.87 -12.17 -28.28
N GLY B 50 -24.80 -10.98 -28.90
CA GLY B 50 -25.93 -10.42 -29.63
C GLY B 50 -26.98 -9.64 -28.86
N ASN B 51 -26.65 -9.19 -27.65
CA ASN B 51 -27.54 -8.35 -26.90
C ASN B 51 -27.26 -6.89 -27.14
N VAL B 52 -28.34 -6.11 -27.20
CA VAL B 52 -28.26 -4.69 -27.56
C VAL B 52 -28.77 -3.83 -26.41
N TYR B 53 -28.03 -2.78 -26.08
CA TYR B 53 -28.39 -1.88 -25.00
C TYR B 53 -28.23 -0.47 -25.55
N SER B 54 -29.29 0.35 -25.53
CA SER B 54 -29.21 1.66 -26.16
C SER B 54 -29.91 2.72 -25.36
N ALA B 55 -29.52 3.96 -25.65
CA ALA B 55 -30.18 5.13 -25.13
C ALA B 55 -30.13 6.24 -26.17
N GLY B 56 -31.14 7.11 -26.17
CA GLY B 56 -31.16 8.27 -27.02
C GLY B 56 -31.67 7.99 -28.42
N ASP B 57 -31.24 8.77 -29.41
CA ASP B 57 -31.74 8.69 -30.81
C ASP B 57 -31.03 7.59 -31.59
N SER B 58 -31.13 6.38 -31.08
CA SER B 58 -30.31 5.28 -31.53
C SER B 58 -30.79 4.68 -32.87
N ASP B 59 -31.96 5.11 -33.36
CA ASP B 59 -32.45 4.68 -34.69
C ASP B 59 -32.12 5.69 -35.82
N TYR B 60 -31.66 6.87 -35.44
CA TYR B 60 -31.38 7.90 -36.41
C TYR B 60 -30.17 7.53 -37.33
N ARG B 61 -30.37 7.59 -38.64
CA ARG B 61 -29.32 7.18 -39.57
C ARG B 61 -28.48 8.37 -40.01
N PHE B 62 -27.19 8.32 -39.68
CA PHE B 62 -26.23 9.37 -40.03
C PHE B 62 -25.14 8.84 -40.96
N ALA B 63 -24.42 9.77 -41.56
CA ALA B 63 -23.43 9.43 -42.58
C ALA B 63 -22.23 8.74 -41.94
N LEU B 64 -21.88 7.58 -42.50
CA LEU B 64 -20.77 6.75 -42.01
C LEU B 64 -19.43 7.49 -42.13
N GLU B 65 -19.23 8.13 -43.26
CA GLU B 65 -18.05 8.95 -43.54
C GLU B 65 -16.77 8.13 -43.27
N SER B 66 -15.77 8.67 -42.55
CA SER B 66 -14.51 7.95 -42.51
C SER B 66 -14.54 6.66 -41.65
N ILE B 67 -15.63 6.37 -40.96
CA ILE B 67 -15.69 5.09 -40.27
C ILE B 67 -15.63 3.96 -41.34
N SER B 68 -16.08 4.27 -42.57
CA SER B 68 -15.97 3.35 -43.70
C SER B 68 -14.57 2.79 -43.94
N LYS B 69 -13.53 3.54 -43.50
CA LYS B 69 -12.15 3.13 -43.64
C LYS B 69 -11.91 1.79 -42.95
N VAL B 70 -12.63 1.53 -41.86
CA VAL B 70 -12.52 0.24 -41.18
C VAL B 70 -13.06 -0.92 -41.99
N CYS B 71 -14.24 -0.74 -42.60
CA CYS B 71 -14.83 -1.80 -43.40
C CYS B 71 -13.97 -2.14 -44.61
N THR B 72 -13.46 -1.13 -45.30
CA THR B 72 -12.65 -1.37 -46.48
C THR B 72 -11.31 -2.00 -46.11
N LEU B 73 -10.68 -1.56 -44.99
CA LEU B 73 -9.52 -2.24 -44.49
C LEU B 73 -9.82 -3.73 -44.22
N ALA B 74 -10.94 -4.02 -43.57
CA ALA B 74 -11.32 -5.40 -43.32
C ALA B 74 -11.38 -6.25 -44.62
N LEU B 75 -11.99 -5.68 -45.65
CA LEU B 75 -12.13 -6.36 -46.95
C LEU B 75 -10.77 -6.54 -47.63
N ALA B 76 -9.89 -5.53 -47.52
CA ALA B 76 -8.54 -5.62 -48.09
C ALA B 76 -7.76 -6.74 -47.41
N LEU B 77 -7.87 -6.86 -46.09
CA LEU B 77 -7.20 -7.97 -45.40
C LEU B 77 -7.72 -9.34 -45.89
N GLU B 78 -9.00 -9.45 -46.08
CA GLU B 78 -9.58 -10.69 -46.58
C GLU B 78 -9.06 -10.98 -47.97
N ASP B 79 -8.97 -9.95 -48.81
CA ASP B 79 -8.56 -10.13 -50.22
C ASP B 79 -7.09 -10.38 -50.42
N VAL B 80 -6.24 -9.63 -49.73
CA VAL B 80 -4.81 -9.75 -49.98
C VAL B 80 -3.93 -10.15 -48.79
N GLY B 81 -4.49 -10.09 -47.59
CA GLY B 81 -3.83 -10.59 -46.41
C GLY B 81 -3.04 -9.49 -45.74
N PRO B 82 -2.67 -9.71 -44.49
CA PRO B 82 -1.96 -8.68 -43.69
C PRO B 82 -0.57 -8.23 -44.14
N GLN B 83 0.25 -9.08 -44.74
CA GLN B 83 1.55 -8.65 -45.27
C GLN B 83 1.40 -7.62 -46.38
N ALA B 84 0.48 -7.89 -47.29
CA ALA B 84 0.25 -7.03 -48.44
C ALA B 84 -0.29 -5.66 -48.00
N VAL B 85 -1.20 -5.65 -47.03
CA VAL B 85 -1.69 -4.39 -46.50
C VAL B 85 -0.55 -3.59 -45.87
N GLN B 86 0.30 -4.25 -45.11
CA GLN B 86 1.41 -3.55 -44.43
C GLN B 86 2.40 -2.98 -45.45
N ASP B 87 2.66 -3.72 -46.51
CA ASP B 87 3.62 -3.29 -47.52
C ASP B 87 3.06 -2.19 -48.41
N LYS B 88 1.79 -2.32 -48.81
CA LYS B 88 1.20 -1.44 -49.80
C LYS B 88 0.52 -0.23 -49.22
N ILE B 89 0.15 -0.28 -47.95
CA ILE B 89 -0.59 0.80 -47.29
C ILE B 89 0.21 1.28 -46.06
N GLY B 90 0.38 0.37 -45.11
CA GLY B 90 1.23 0.59 -43.92
C GLY B 90 0.46 0.29 -42.65
N ALA B 91 1.18 0.41 -41.53
CA ALA B 91 0.61 0.17 -40.23
C ALA B 91 0.97 1.25 -39.20
N ASP B 92 1.44 2.41 -39.66
CA ASP B 92 1.95 3.43 -38.71
C ASP B 92 1.14 4.74 -38.72
N PRO B 93 1.09 5.39 -37.56
CA PRO B 93 0.48 6.70 -37.48
C PRO B 93 1.34 7.74 -38.16
N THR B 94 0.70 8.81 -38.67
CA THR B 94 1.42 9.84 -39.42
C THR B 94 1.90 11.03 -38.60
N GLY B 95 1.31 11.22 -37.43
CA GLY B 95 1.55 12.43 -36.63
C GLY B 95 0.82 13.66 -37.13
N LEU B 96 -0.01 13.52 -38.17
CA LEU B 96 -0.47 14.69 -38.95
C LEU B 96 -1.96 14.55 -39.30
N PRO B 97 -2.60 15.65 -39.69
CA PRO B 97 -4.06 15.64 -39.91
C PRO B 97 -4.56 14.62 -40.96
N PHE B 98 -5.86 14.38 -40.94
CA PHE B 98 -6.55 13.38 -41.78
C PHE B 98 -6.24 13.47 -43.27
N ASN B 99 -5.98 14.70 -43.73
CA ASN B 99 -5.78 14.99 -45.18
C ASN B 99 -4.39 15.51 -45.49
N SER B 100 -3.42 15.26 -44.60
CA SER B 100 -2.08 15.83 -44.70
C SER B 100 -1.29 15.33 -45.89
N VAL B 101 -0.89 16.24 -46.78
CA VAL B 101 0.02 15.84 -47.83
C VAL B 101 1.47 15.97 -47.42
N ILE B 102 1.73 16.77 -46.38
CA ILE B 102 3.06 16.80 -45.77
C ILE B 102 3.41 15.37 -45.35
N ALA B 103 2.45 14.66 -44.76
CA ALA B 103 2.70 13.26 -44.34
C ALA B 103 3.17 12.41 -45.50
N LEU B 104 2.51 12.52 -46.66
CA LEU B 104 2.93 11.79 -47.83
C LEU B 104 4.33 12.14 -48.29
N GLU B 105 4.61 13.43 -48.47
CA GLU B 105 5.90 13.79 -49.07
C GLU B 105 7.08 13.43 -48.12
N LEU B 106 6.87 13.40 -46.82
CA LEU B 106 7.93 13.07 -45.84
C LEU B 106 8.23 11.58 -45.75
N HIS B 107 7.39 10.75 -46.37
CA HIS B 107 7.54 9.29 -46.34
C HIS B 107 7.57 8.74 -47.73
N GLY B 108 8.04 9.57 -48.66
CA GLY B 108 8.19 9.20 -50.06
C GLY B 108 6.96 8.77 -50.81
N GLY B 109 5.79 9.29 -50.45
CA GLY B 109 4.55 8.93 -51.11
C GLY B 109 3.74 7.84 -50.42
N LYS B 110 4.33 7.15 -49.45
CA LYS B 110 3.63 6.05 -48.73
C LYS B 110 2.64 6.63 -47.76
N PRO B 111 1.40 6.17 -47.79
CA PRO B 111 0.35 6.76 -46.96
C PRO B 111 0.40 6.40 -45.49
N LEU B 112 1.15 5.35 -45.15
CA LEU B 112 1.44 4.95 -43.77
C LEU B 112 0.34 4.21 -43.03
N SER B 113 -0.90 4.71 -43.12
CA SER B 113 -2.04 4.15 -42.39
C SER B 113 -3.28 4.07 -43.31
N PRO B 114 -3.97 2.94 -43.31
CA PRO B 114 -5.25 2.81 -44.05
C PRO B 114 -6.34 3.69 -43.48
N LEU B 115 -6.07 4.33 -42.32
CA LEU B 115 -7.07 5.12 -41.63
C LEU B 115 -6.90 6.66 -41.77
N VAL B 116 -5.87 7.12 -42.48
CA VAL B 116 -5.87 8.51 -42.95
C VAL B 116 -6.41 8.52 -44.35
N ASN B 117 -6.84 9.69 -44.82
CA ASN B 117 -7.49 9.75 -46.15
C ASN B 117 -6.62 9.13 -47.24
N ALA B 118 -5.31 9.41 -47.27
CA ALA B 118 -4.47 8.90 -48.31
C ALA B 118 -4.40 7.36 -48.28
N GLY B 119 -4.20 6.81 -47.10
CA GLY B 119 -4.16 5.37 -46.98
C GLY B 119 -5.47 4.71 -47.27
N ALA B 120 -6.57 5.39 -46.93
CA ALA B 120 -7.88 4.85 -47.15
C ALA B 120 -8.18 4.78 -48.66
N ILE B 121 -7.82 5.81 -49.38
CA ILE B 121 -7.98 5.82 -50.85
C ILE B 121 -7.15 4.69 -51.48
N ALA B 122 -5.94 4.51 -51.00
CA ALA B 122 -5.06 3.44 -51.45
C ALA B 122 -5.68 2.07 -51.12
N THR B 123 -6.27 1.95 -49.94
CA THR B 123 -6.90 0.66 -49.53
C THR B 123 -8.14 0.33 -50.39
N THR B 124 -8.93 1.34 -50.66
CA THR B 124 -10.05 1.20 -51.57
C THR B 124 -9.54 0.71 -52.94
N SER B 125 -8.37 1.16 -53.35
CA SER B 125 -7.78 0.80 -54.64
C SER B 125 -7.17 -0.60 -54.66
N LEU B 126 -6.95 -1.18 -53.49
CA LEU B 126 -6.27 -2.44 -53.32
C LEU B 126 -7.28 -3.60 -53.36
N ILE B 127 -8.56 -3.33 -53.09
CA ILE B 127 -9.64 -4.32 -53.12
C ILE B 127 -9.68 -5.05 -54.47
N ASN B 128 -9.89 -6.37 -54.45
CA ASN B 128 -10.08 -7.16 -55.70
C ASN B 128 -11.34 -6.66 -56.42
N ALA B 129 -11.18 -6.39 -57.71
CA ALA B 129 -12.32 -5.95 -58.53
C ALA B 129 -11.95 -5.91 -60.00
N GLU B 130 -12.90 -6.32 -60.83
CA GLU B 130 -12.72 -6.31 -62.28
C GLU B 130 -13.11 -4.99 -62.93
N ASN B 131 -13.90 -4.19 -62.22
CA ASN B 131 -14.31 -2.86 -62.67
C ASN B 131 -14.82 -2.05 -61.48
N VAL B 132 -15.07 -0.76 -61.72
CA VAL B 132 -15.41 0.19 -60.66
C VAL B 132 -16.67 -0.18 -59.92
N GLU B 133 -17.67 -0.67 -60.65
CA GLU B 133 -18.94 -0.99 -60.02
C GLU B 133 -18.85 -2.22 -59.12
N GLN B 134 -18.01 -3.19 -59.49
CA GLN B 134 -17.82 -4.36 -58.65
C GLN B 134 -17.06 -3.93 -57.40
N ARG B 135 -16.13 -3.01 -57.58
CA ARG B 135 -15.35 -2.51 -56.46
C ARG B 135 -16.33 -1.93 -55.41
N TRP B 136 -17.26 -1.10 -55.88
CA TRP B 136 -18.26 -0.50 -55.02
C TRP B 136 -19.17 -1.56 -54.41
N GLN B 137 -19.66 -2.48 -55.22
CA GLN B 137 -20.60 -3.47 -54.70
C GLN B 137 -20.01 -4.30 -53.58
N ARG B 138 -18.77 -4.72 -53.76
CA ARG B 138 -18.08 -5.55 -52.74
C ARG B 138 -17.89 -4.77 -51.43
N ILE B 139 -17.60 -3.48 -51.53
CA ILE B 139 -17.41 -2.65 -50.34
C ILE B 139 -18.74 -2.39 -49.64
N LEU B 140 -19.78 -2.12 -50.41
CA LEU B 140 -21.11 -1.92 -49.83
C LEU B 140 -21.55 -3.20 -49.13
N HIS B 141 -21.30 -4.35 -49.77
CA HIS B 141 -21.73 -5.63 -49.21
C HIS B 141 -21.05 -5.87 -47.86
N ILE B 142 -19.75 -5.60 -47.75
CA ILE B 142 -19.10 -5.86 -46.45
C ILE B 142 -19.56 -4.90 -45.37
N GLN B 143 -19.81 -3.62 -45.69
CA GLN B 143 -20.47 -2.72 -44.71
C GLN B 143 -21.78 -3.33 -44.21
N GLN B 144 -22.60 -3.85 -45.10
CA GLN B 144 -23.86 -4.45 -44.68
C GLN B 144 -23.69 -5.72 -43.84
N GLN B 145 -22.73 -6.54 -44.22
CA GLN B 145 -22.40 -7.73 -43.46
C GLN B 145 -21.91 -7.40 -42.05
N LEU B 146 -21.08 -6.39 -41.95
CA LEU B 146 -20.47 -6.01 -40.67
C LEU B 146 -21.42 -5.25 -39.73
N ALA B 147 -22.21 -4.34 -40.29
CA ALA B 147 -22.98 -3.35 -39.50
C ALA B 147 -24.48 -3.54 -39.56
N GLY B 148 -24.98 -4.10 -40.66
CA GLY B 148 -26.40 -4.35 -40.77
C GLY B 148 -26.86 -4.14 -42.21
N GLU B 149 -27.81 -4.96 -42.60
CA GLU B 149 -28.33 -4.97 -43.94
C GLU B 149 -28.99 -3.68 -44.45
N GLN B 150 -29.44 -2.81 -43.55
CA GLN B 150 -30.04 -1.53 -43.98
C GLN B 150 -29.05 -0.48 -44.37
N VAL B 151 -27.77 -0.73 -44.09
CA VAL B 151 -26.74 0.23 -44.47
C VAL B 151 -26.84 0.42 -45.99
N ALA B 152 -26.95 1.67 -46.40
CA ALA B 152 -27.12 2.00 -47.81
C ALA B 152 -26.64 3.37 -48.19
N LEU B 153 -26.22 3.50 -49.44
CA LEU B 153 -25.77 4.80 -49.98
C LEU B 153 -26.86 5.90 -50.00
N SER B 154 -26.55 7.06 -49.45
CA SER B 154 -27.38 8.26 -49.61
C SER B 154 -27.02 8.92 -50.94
N ASP B 155 -27.94 8.99 -51.88
CA ASP B 155 -27.66 9.69 -53.13
C ASP B 155 -27.28 11.18 -52.91
N GLU B 156 -27.95 11.81 -51.94
CA GLU B 156 -27.75 13.21 -51.65
C GLU B 156 -26.35 13.43 -51.04
N VAL B 157 -25.93 12.57 -50.13
CA VAL B 157 -24.58 12.73 -49.56
C VAL B 157 -23.55 12.47 -50.65
N ASN B 158 -23.71 11.37 -51.38
CA ASN B 158 -22.79 10.99 -52.41
C ASN B 158 -22.62 12.08 -53.47
N GLN B 159 -23.73 12.64 -53.95
CA GLN B 159 -23.64 13.71 -54.97
C GLN B 159 -22.87 14.94 -54.45
N SER B 160 -23.14 15.35 -53.22
CA SER B 160 -22.51 16.48 -52.62
C SER B 160 -21.01 16.22 -52.40
N GLU B 161 -20.67 15.02 -51.95
CA GLU B 161 -19.25 14.64 -51.72
C GLU B 161 -18.49 14.56 -53.05
N GLN B 162 -19.12 13.97 -54.08
CA GLN B 162 -18.49 13.74 -55.40
C GLN B 162 -18.19 15.04 -56.11
N THR B 163 -18.90 16.11 -55.73
CA THR B 163 -18.74 17.39 -56.40
C THR B 163 -17.98 18.39 -55.59
N THR B 164 -17.49 17.98 -54.43
CA THR B 164 -16.63 18.83 -53.59
C THR B 164 -15.30 18.19 -53.16
N ASN B 165 -14.94 17.02 -53.68
CA ASN B 165 -13.83 16.24 -53.11
C ASN B 165 -12.49 16.51 -53.79
N PHE B 166 -12.28 17.76 -54.17
CA PHE B 166 -11.08 18.16 -54.91
C PHE B 166 -9.77 17.80 -54.20
N HIS B 167 -9.72 17.93 -52.89
CA HIS B 167 -8.48 17.66 -52.18
C HIS B 167 -8.19 16.17 -52.21
N ASN B 168 -9.25 15.33 -52.10
CA ASN B 168 -9.02 13.90 -52.26
C ASN B 168 -8.59 13.51 -53.68
N ARG B 169 -9.05 14.26 -54.69
CA ARG B 169 -8.60 14.00 -56.07
C ARG B 169 -7.11 14.23 -56.14
N ALA B 170 -6.64 15.29 -55.52
CA ALA B 170 -5.21 15.56 -55.45
C ALA B 170 -4.47 14.39 -54.79
N ILE B 171 -4.98 13.95 -53.64
CA ILE B 171 -4.29 12.86 -52.91
C ILE B 171 -4.25 11.59 -53.78
N ALA B 172 -5.32 11.32 -54.51
CA ALA B 172 -5.35 10.12 -55.34
C ALA B 172 -4.23 10.18 -56.39
N TRP B 173 -4.12 11.32 -57.06
CA TRP B 173 -3.01 11.55 -58.00
C TRP B 173 -1.62 11.50 -57.37
N LEU B 174 -1.43 11.99 -56.15
CA LEU B 174 -0.14 11.87 -55.47
C LEU B 174 0.24 10.40 -55.20
N LEU B 175 -0.75 9.60 -54.78
CA LEU B 175 -0.56 8.18 -54.56
C LEU B 175 -0.24 7.50 -55.87
N TYR B 176 -1.01 7.78 -56.91
CA TYR B 176 -0.81 7.14 -58.19
C TYR B 176 0.57 7.45 -58.74
N SER B 177 1.00 8.70 -58.57
CA SER B 177 2.30 9.14 -59.07
C SER B 177 3.42 8.44 -58.34
N ALA B 178 3.27 8.22 -57.02
CA ALA B 178 4.28 7.61 -56.21
C ALA B 178 4.31 6.09 -56.29
N GLY B 179 3.28 5.47 -56.90
CA GLY B 179 3.20 4.02 -56.94
C GLY B 179 2.42 3.39 -55.80
N TYR B 180 1.74 4.20 -55.00
CA TYR B 180 0.91 3.71 -53.89
C TYR B 180 -0.59 3.74 -54.18
N LEU B 181 -0.95 3.54 -55.44
CA LEU B 181 -2.34 3.39 -55.86
C LEU B 181 -2.45 2.23 -56.84
N TYR B 182 -3.45 1.36 -56.63
CA TYR B 182 -3.46 0.03 -57.22
C TYR B 182 -4.60 -0.16 -58.21
N CYS B 183 -5.23 0.97 -58.54
CA CYS B 183 -6.15 1.06 -59.69
C CYS B 183 -6.16 2.49 -60.24
N ASP B 184 -6.98 2.73 -61.23
CA ASP B 184 -7.21 4.07 -61.79
C ASP B 184 -7.52 5.06 -60.64
N ALA B 185 -6.86 6.22 -60.72
CA ALA B 185 -6.98 7.26 -59.70
C ALA B 185 -8.38 7.77 -59.52
N MET B 186 -9.10 8.08 -60.60
CA MET B 186 -10.40 8.61 -60.37
C MET B 186 -11.44 7.52 -59.95
N GLU B 187 -11.27 6.27 -60.38
CA GLU B 187 -12.03 5.13 -59.86
C GLU B 187 -11.82 4.99 -58.33
N ALA B 188 -10.59 5.08 -57.86
CA ALA B 188 -10.36 4.93 -56.40
C ALA B 188 -11.00 6.06 -55.65
N CYS B 189 -10.87 7.26 -56.22
CA CYS B 189 -11.43 8.45 -55.56
C CYS B 189 -12.96 8.39 -55.52
N ASP B 190 -13.58 8.02 -56.63
CA ASP B 190 -15.03 7.85 -56.70
C ASP B 190 -15.51 6.85 -55.64
N VAL B 191 -14.95 5.66 -55.66
CA VAL B 191 -15.42 4.61 -54.76
C VAL B 191 -15.20 4.93 -53.30
N TYR B 192 -14.08 5.59 -52.97
CA TYR B 192 -13.82 6.06 -51.63
C TYR B 192 -14.91 7.02 -51.19
N THR B 193 -15.30 7.91 -52.09
CA THR B 193 -16.36 8.85 -51.83
C THR B 193 -17.67 8.14 -51.55
N ARG B 194 -18.01 7.15 -52.38
CA ARG B 194 -19.26 6.39 -52.18
C ARG B 194 -19.30 5.70 -50.81
N GLN B 195 -18.17 5.10 -50.42
CA GLN B 195 -18.14 4.27 -49.18
C GLN B 195 -18.34 5.14 -47.95
N CYS B 196 -18.01 6.43 -48.08
CA CYS B 196 -18.17 7.41 -47.00
C CYS B 196 -19.61 7.96 -46.92
N SER B 197 -20.40 7.66 -47.97
CA SER B 197 -21.69 8.29 -48.19
C SER B 197 -22.89 7.40 -47.84
N THR B 198 -22.63 6.28 -47.21
CA THR B 198 -23.67 5.44 -46.64
C THR B 198 -24.12 5.96 -45.31
N LEU B 199 -25.34 5.57 -44.96
CA LEU B 199 -25.98 5.96 -43.71
C LEU B 199 -26.21 4.74 -42.80
N LEU B 200 -25.99 4.93 -41.51
CA LEU B 200 -26.25 3.90 -40.51
C LEU B 200 -26.66 4.54 -39.22
N ASN B 201 -27.31 3.77 -38.35
CA ASN B 201 -27.69 4.27 -37.05
C ASN B 201 -26.69 3.78 -35.98
N THR B 202 -26.92 4.17 -34.74
CA THR B 202 -25.95 3.97 -33.66
C THR B 202 -25.87 2.50 -33.27
N ILE B 203 -27.00 1.79 -33.35
CA ILE B 203 -26.96 0.34 -33.10
C ILE B 203 -26.16 -0.37 -34.20
N GLU B 204 -26.32 0.04 -35.46
CA GLU B 204 -25.53 -0.54 -36.55
C GLU B 204 -24.05 -0.27 -36.38
N LEU B 205 -23.72 0.94 -35.90
CA LEU B 205 -22.31 1.29 -35.71
C LEU B 205 -21.74 0.42 -34.58
N ALA B 206 -22.50 0.25 -33.50
CA ALA B 206 -22.12 -0.64 -32.42
C ALA B 206 -21.99 -2.08 -32.89
N THR B 207 -22.84 -2.46 -33.86
CA THR B 207 -22.73 -3.79 -34.41
C THR B 207 -21.45 -4.02 -35.17
N LEU B 208 -21.01 -3.00 -35.89
CA LEU B 208 -19.71 -3.06 -36.54
C LEU B 208 -18.66 -3.41 -35.50
N GLY B 209 -18.64 -2.68 -34.40
CA GLY B 209 -17.70 -2.96 -33.33
C GLY B 209 -17.83 -4.34 -32.74
N ALA B 210 -19.08 -4.82 -32.58
CA ALA B 210 -19.35 -6.12 -32.00
C ALA B 210 -18.91 -7.25 -32.95
N THR B 211 -19.05 -7.05 -34.25
CA THR B 211 -18.49 -8.02 -35.21
C THR B 211 -16.99 -8.18 -35.01
N LEU B 212 -16.28 -7.07 -34.87
CA LEU B 212 -14.85 -7.10 -34.61
C LEU B 212 -14.58 -7.74 -33.24
N ALA B 213 -15.32 -7.34 -32.22
CA ALA B 213 -15.16 -7.88 -30.89
C ALA B 213 -15.35 -9.39 -30.83
N ALA B 214 -16.18 -9.94 -31.71
CA ALA B 214 -16.50 -11.37 -31.73
C ALA B 214 -15.53 -12.14 -32.66
N GLY B 215 -14.49 -11.46 -33.11
CA GLY B 215 -13.46 -12.07 -33.91
C GLY B 215 -13.93 -12.33 -35.32
N GLY B 216 -14.80 -11.46 -35.83
CA GLY B 216 -15.21 -11.47 -37.22
C GLY B 216 -16.60 -12.02 -37.48
N VAL B 217 -17.36 -12.30 -36.41
CA VAL B 217 -18.73 -12.87 -36.53
C VAL B 217 -19.74 -11.79 -36.15
N ASN B 218 -20.71 -11.51 -37.02
CA ASN B 218 -21.78 -10.55 -36.70
C ASN B 218 -22.69 -11.24 -35.68
N PRO B 219 -22.79 -10.70 -34.46
CA PRO B 219 -23.52 -11.40 -33.37
C PRO B 219 -25.02 -11.27 -33.49
N LEU B 220 -25.52 -10.43 -34.38
CA LEU B 220 -26.95 -10.37 -34.65
C LEU B 220 -27.41 -11.29 -35.75
N THR B 221 -26.62 -11.50 -36.81
CA THR B 221 -26.97 -12.43 -37.90
C THR B 221 -26.37 -13.79 -37.65
N HIS B 222 -25.38 -13.85 -36.73
CA HIS B 222 -24.58 -15.06 -36.43
C HIS B 222 -23.71 -15.55 -37.59
N LYS B 223 -23.41 -14.68 -38.55
CA LYS B 223 -22.61 -15.04 -39.69
C LYS B 223 -21.18 -14.58 -39.51
N ARG B 224 -20.23 -15.46 -39.83
CA ARG B 224 -18.86 -15.05 -39.92
C ARG B 224 -18.70 -14.21 -41.18
N VAL B 225 -18.10 -13.04 -40.98
CA VAL B 225 -17.80 -12.10 -42.06
C VAL B 225 -16.31 -12.06 -42.33
N LEU B 226 -15.51 -12.02 -41.26
CA LEU B 226 -14.06 -11.90 -41.35
C LEU B 226 -13.38 -13.11 -40.71
N GLN B 227 -12.19 -13.42 -41.17
CA GLN B 227 -11.32 -14.38 -40.51
C GLN B 227 -10.87 -13.84 -39.18
N ALA B 228 -11.02 -14.67 -38.14
CA ALA B 228 -10.59 -14.23 -36.83
C ALA B 228 -9.15 -13.71 -36.78
N ASP B 229 -8.24 -14.35 -37.50
CA ASP B 229 -6.85 -13.95 -37.50
C ASP B 229 -6.60 -12.56 -38.11
N ASN B 230 -7.54 -12.05 -38.93
CA ASN B 230 -7.42 -10.72 -39.51
C ASN B 230 -7.85 -9.60 -38.60
N VAL B 231 -8.72 -9.89 -37.66
CA VAL B 231 -9.23 -8.82 -36.79
C VAL B 231 -8.18 -8.06 -35.93
N PRO B 232 -7.18 -8.71 -35.34
CA PRO B 232 -6.21 -7.93 -34.57
C PRO B 232 -5.48 -6.87 -35.40
N TYR B 233 -5.29 -7.11 -36.69
CA TYR B 233 -4.65 -6.10 -37.56
C TYR B 233 -5.54 -4.86 -37.67
N ILE B 234 -6.84 -5.07 -37.87
CA ILE B 234 -7.80 -3.98 -37.92
C ILE B 234 -7.76 -3.13 -36.62
N LEU B 235 -7.83 -3.83 -35.51
CA LEU B 235 -7.82 -3.16 -34.21
C LEU B 235 -6.52 -2.39 -33.95
N ALA B 236 -5.38 -2.96 -34.37
CA ALA B 236 -4.11 -2.27 -34.15
C ALA B 236 -4.08 -0.96 -34.92
N GLU B 237 -4.55 -1.02 -36.17
CA GLU B 237 -4.60 0.15 -37.03
C GLU B 237 -5.49 1.21 -36.44
N MET B 238 -6.67 0.79 -35.92
CA MET B 238 -7.56 1.70 -35.22
C MET B 238 -6.91 2.33 -33.98
N MET B 239 -6.22 1.54 -33.18
CA MET B 239 -5.51 2.07 -32.02
C MET B 239 -4.51 3.12 -32.41
N MET B 240 -3.80 2.94 -33.52
CA MET B 240 -2.78 3.90 -33.95
CA MET B 240 -2.77 3.90 -33.90
C MET B 240 -3.30 5.21 -34.50
N GLU B 241 -4.43 5.16 -35.23
CA GLU B 241 -4.85 6.29 -36.05
C GLU B 241 -6.36 6.55 -36.12
N GLY B 242 -7.18 5.75 -35.45
CA GLY B 242 -8.62 5.82 -35.57
C GLY B 242 -9.30 7.15 -35.24
N LEU B 243 -8.67 7.91 -34.35
CA LEU B 243 -9.19 9.23 -33.96
C LEU B 243 -8.21 10.32 -34.44
N TYR B 244 -7.49 10.00 -35.51
CA TYR B 244 -6.58 10.92 -36.16
C TYR B 244 -5.55 11.35 -35.11
N GLY B 245 -5.27 12.63 -34.99
CA GLY B 245 -4.15 13.08 -34.14
C GLY B 245 -4.44 13.05 -32.66
N ARG B 246 -5.66 12.68 -32.31
CA ARG B 246 -6.02 12.42 -30.92
C ARG B 246 -6.14 10.95 -30.60
N SER B 247 -5.61 10.07 -31.44
CA SER B 247 -5.65 8.63 -31.16
C SER B 247 -4.86 8.29 -29.90
N GLY B 248 -3.73 8.93 -29.75
CA GLY B 248 -2.91 8.74 -28.56
C GLY B 248 -3.64 9.15 -27.29
N ASP B 249 -4.29 10.31 -27.34
CA ASP B 249 -5.12 10.75 -26.22
C ASP B 249 -6.23 9.77 -25.92
N TRP B 250 -6.87 9.24 -26.96
CA TRP B 250 -7.86 8.21 -26.82
C TRP B 250 -7.28 6.93 -26.18
N ALA B 251 -6.11 6.50 -26.63
CA ALA B 251 -5.46 5.31 -26.07
C ALA B 251 -5.14 5.56 -24.56
N TYR B 252 -4.73 6.77 -24.25
CA TYR B 252 -4.34 7.15 -22.91
C TYR B 252 -5.52 7.20 -21.95
N ARG B 253 -6.62 7.82 -22.38
CA ARG B 253 -7.79 7.97 -21.53
C ARG B 253 -8.74 6.78 -21.50
N VAL B 254 -8.98 6.17 -22.67
CA VAL B 254 -9.94 5.11 -22.85
C VAL B 254 -9.33 3.70 -23.00
N GLY B 255 -8.25 3.58 -23.81
CA GLY B 255 -7.55 2.32 -23.96
C GLY B 255 -8.29 1.24 -24.71
N LEU B 256 -9.11 1.65 -25.65
CA LEU B 256 -9.79 0.74 -26.57
C LEU B 256 -9.62 1.23 -27.98
N PRO B 257 -9.47 0.29 -28.91
CA PRO B 257 -9.34 0.67 -30.31
C PRO B 257 -10.62 1.34 -30.75
N GLY B 258 -10.48 2.51 -31.40
CA GLY B 258 -11.62 3.31 -31.84
C GLY B 258 -11.53 3.87 -33.24
N LYS B 259 -12.65 4.47 -33.64
CA LYS B 259 -12.72 5.21 -34.91
C LYS B 259 -13.80 6.27 -34.84
N SER B 260 -13.49 7.43 -35.39
CA SER B 260 -14.45 8.52 -35.59
C SER B 260 -14.81 8.72 -37.07
N GLY B 261 -15.92 9.43 -37.29
CA GLY B 261 -16.24 9.95 -38.59
C GLY B 261 -16.95 11.28 -38.43
N VAL B 262 -17.01 12.06 -39.51
CA VAL B 262 -17.54 13.43 -39.43
C VAL B 262 -19.06 13.50 -39.47
N GLY B 263 -19.72 12.36 -39.74
CA GLY B 263 -21.14 12.21 -39.47
C GLY B 263 -21.48 12.28 -37.98
N GLY B 264 -20.47 12.23 -37.11
CA GLY B 264 -20.64 12.30 -35.66
C GLY B 264 -20.58 10.97 -34.88
N GLY B 265 -20.24 9.90 -35.60
CA GLY B 265 -20.08 8.57 -34.99
C GLY B 265 -18.73 8.41 -34.27
N ILE B 266 -18.78 7.71 -33.12
CA ILE B 266 -17.64 7.20 -32.40
C ILE B 266 -17.86 5.72 -32.11
N LEU B 267 -16.88 4.93 -32.53
CA LEU B 267 -16.87 3.50 -32.28
C LEU B 267 -15.63 3.11 -31.40
N ALA B 268 -15.88 2.19 -30.48
CA ALA B 268 -14.81 1.51 -29.72
C ALA B 268 -15.10 0.01 -29.66
N VAL B 269 -14.02 -0.79 -29.62
CA VAL B 269 -14.11 -2.27 -29.62
C VAL B 269 -13.42 -2.75 -28.35
N VAL B 270 -14.14 -3.58 -27.56
CA VAL B 270 -13.59 -4.32 -26.45
C VAL B 270 -13.35 -5.71 -26.96
N PRO B 271 -12.10 -6.06 -27.28
CA PRO B 271 -11.83 -7.35 -27.90
C PRO B 271 -12.42 -8.52 -27.09
N GLY B 272 -13.15 -9.38 -27.79
CA GLY B 272 -13.81 -10.55 -27.22
C GLY B 272 -15.06 -10.25 -26.43
N VAL B 273 -15.51 -8.99 -26.36
CA VAL B 273 -16.64 -8.67 -25.46
C VAL B 273 -17.79 -7.91 -26.11
N MET B 274 -17.52 -6.76 -26.78
CA MET B 274 -18.57 -5.86 -27.19
C MET B 274 -18.07 -4.74 -28.10
N GLY B 275 -18.99 -4.23 -28.90
CA GLY B 275 -18.83 -2.96 -29.55
C GLY B 275 -19.57 -1.88 -28.78
N ILE B 276 -18.96 -0.70 -28.72
CA ILE B 276 -19.57 0.45 -28.01
C ILE B 276 -19.56 1.60 -29.00
N ALA B 277 -20.70 2.24 -29.16
CA ALA B 277 -20.80 3.33 -30.09
C ALA B 277 -21.65 4.46 -29.57
N ALA B 278 -21.35 5.63 -30.08
CA ALA B 278 -22.16 6.81 -29.81
C ALA B 278 -22.20 7.75 -31.01
N PHE B 279 -23.13 8.69 -30.98
CA PHE B 279 -23.33 9.61 -32.07
C PHE B 279 -23.83 10.92 -31.58
N SER B 280 -23.24 11.98 -32.12
CA SER B 280 -23.80 13.32 -32.00
C SER B 280 -23.09 14.19 -33.04
N PRO B 281 -23.85 14.94 -33.86
CA PRO B 281 -23.23 15.72 -34.93
C PRO B 281 -22.11 16.72 -34.55
N PRO B 282 -22.18 17.48 -33.48
CA PRO B 282 -21.14 18.49 -33.26
C PRO B 282 -19.75 17.89 -33.02
N LEU B 283 -18.81 18.27 -33.87
CA LEU B 283 -17.43 17.78 -33.81
C LEU B 283 -16.45 18.77 -33.16
N ASP B 284 -15.40 18.24 -32.54
CA ASP B 284 -14.29 19.08 -32.10
C ASP B 284 -13.35 19.42 -33.28
N GLU B 285 -12.26 20.12 -32.95
CA GLU B 285 -11.29 20.63 -33.91
C GLU B 285 -10.54 19.53 -34.64
N ASP B 286 -10.54 18.30 -34.11
CA ASP B 286 -9.93 17.17 -34.79
C ASP B 286 -10.92 16.31 -35.57
N GLY B 287 -12.16 16.80 -35.71
CA GLY B 287 -13.20 16.11 -36.42
C GLY B 287 -13.94 15.01 -35.64
N ASN B 288 -13.79 15.01 -34.32
CA ASN B 288 -14.32 13.93 -33.50
C ASN B 288 -15.49 14.43 -32.66
N SER B 289 -16.58 13.68 -32.69
CA SER B 289 -17.81 14.07 -31.97
C SER B 289 -17.57 14.42 -30.50
N VAL B 290 -18.03 15.58 -30.08
CA VAL B 290 -17.77 16.00 -28.71
C VAL B 290 -18.49 15.09 -27.73
N ARG B 291 -19.79 14.96 -27.90
CA ARG B 291 -20.58 14.12 -27.01
C ARG B 291 -20.32 12.64 -27.28
N GLY B 292 -20.12 12.30 -28.55
CA GLY B 292 -19.84 10.92 -28.94
C GLY B 292 -18.65 10.34 -28.19
N GLN B 293 -17.56 11.11 -28.14
CA GLN B 293 -16.36 10.64 -27.48
C GLN B 293 -16.63 10.46 -26.01
N LYS B 294 -17.32 11.43 -25.39
CA LYS B 294 -17.61 11.33 -23.97
C LYS B 294 -18.50 10.17 -23.61
N MET B 295 -19.52 9.91 -24.44
CA MET B 295 -20.45 8.83 -24.13
C MET B 295 -19.77 7.48 -24.24
N VAL B 296 -18.97 7.29 -25.30
CA VAL B 296 -18.28 6.01 -25.47
C VAL B 296 -17.26 5.81 -24.37
N ALA B 297 -16.48 6.86 -24.07
CA ALA B 297 -15.53 6.82 -22.95
C ALA B 297 -16.20 6.49 -21.63
N SER B 298 -17.34 7.12 -21.39
CA SER B 298 -18.09 6.91 -20.14
C SER B 298 -18.52 5.44 -19.97
N VAL B 299 -19.04 4.84 -21.03
CA VAL B 299 -19.46 3.44 -20.94
C VAL B 299 -18.26 2.54 -20.66
N ALA B 300 -17.16 2.77 -21.40
CA ALA B 300 -15.95 1.97 -21.22
C ALA B 300 -15.37 2.08 -19.79
N LYS B 301 -15.33 3.30 -19.22
CA LYS B 301 -14.84 3.52 -17.86
C LYS B 301 -15.73 2.89 -16.81
N GLN B 302 -17.06 3.05 -16.97
CA GLN B 302 -17.99 2.50 -15.97
C GLN B 302 -17.90 0.97 -15.91
N LEU B 303 -17.69 0.34 -17.08
CA LEU B 303 -17.58 -1.09 -17.15
C LEU B 303 -16.18 -1.62 -16.95
N GLY B 304 -15.17 -0.73 -16.86
CA GLY B 304 -13.79 -1.13 -16.57
C GLY B 304 -13.00 -1.73 -17.73
N TYR B 305 -13.37 -1.42 -18.96
CA TYR B 305 -12.71 -1.99 -20.13
C TYR B 305 -11.59 -1.06 -20.67
N ASN B 306 -10.42 -1.67 -20.84
CA ASN B 306 -9.22 -0.97 -21.29
C ASN B 306 -8.23 -2.08 -21.58
N VAL B 307 -7.74 -2.16 -22.83
CA VAL B 307 -6.82 -3.24 -23.19
C VAL B 307 -5.47 -3.18 -22.43
N PHE B 308 -5.19 -2.08 -21.75
CA PHE B 308 -3.92 -1.96 -21.01
C PHE B 308 -4.05 -2.22 -19.51
N LYS B 309 -5.18 -2.79 -19.13
CA LYS B 309 -5.48 -3.08 -17.73
C LYS B 309 -5.58 -4.59 -17.64
N GLY B 310 -4.78 -5.17 -16.74
CA GLY B 310 -4.84 -6.59 -16.50
C GLY B 310 -5.42 -6.86 -15.11
N LEU C 2 -2.12 24.82 30.64
CA LEU C 2 -3.07 24.19 31.64
C LEU C 2 -3.83 25.25 32.42
N ASP C 3 -5.09 24.96 32.70
CA ASP C 3 -5.96 25.90 33.38
C ASP C 3 -6.09 25.63 34.87
N ALA C 4 -5.71 26.59 35.70
CA ALA C 4 -5.75 26.42 37.15
C ALA C 4 -7.12 26.17 37.75
N ASN C 5 -8.15 26.92 37.34
CA ASN C 5 -9.50 26.65 37.84
C ASN C 5 -9.92 25.23 37.46
N LYS C 6 -9.57 24.80 36.25
CA LYS C 6 -9.94 23.46 35.78
C LYS C 6 -9.26 22.35 36.60
N LEU C 7 -7.98 22.53 36.87
CA LEU C 7 -7.25 21.51 37.60
C LEU C 7 -7.77 21.46 39.04
N GLN C 8 -8.05 22.61 39.64
CA GLN C 8 -8.57 22.57 41.00
C GLN C 8 -9.97 21.97 41.05
N GLN C 9 -10.80 22.21 40.05
CA GLN C 9 -12.16 21.67 40.01
C GLN C 9 -12.14 20.14 39.90
N ALA C 10 -11.23 19.60 39.10
CA ALA C 10 -11.07 18.17 38.96
C ALA C 10 -10.66 17.53 40.29
N VAL C 11 -9.70 18.13 40.96
CA VAL C 11 -9.24 17.65 42.27
C VAL C 11 -10.35 17.73 43.30
N ASP C 12 -11.07 18.84 43.31
CA ASP C 12 -12.16 19.04 44.23
C ASP C 12 -13.28 18.06 43.96
N GLN C 13 -13.63 17.83 42.70
CA GLN C 13 -14.74 16.92 42.41
C GLN C 13 -14.35 15.49 42.78
N ALA C 14 -13.12 15.08 42.46
CA ALA C 14 -12.66 13.73 42.81
C ALA C 14 -12.78 13.46 44.31
N TYR C 15 -12.33 14.44 45.10
CA TYR C 15 -12.38 14.34 46.54
C TYR C 15 -13.85 14.30 47.01
N THR C 16 -14.67 15.21 46.52
CA THR C 16 -16.05 15.26 46.97
C THR C 16 -16.75 13.94 46.66
N GLN C 17 -16.53 13.42 45.46
CA GLN C 17 -17.24 12.23 45.01
C GLN C 17 -16.84 10.98 45.74
N PHE C 18 -15.55 10.87 46.10
CA PHE C 18 -15.03 9.59 46.51
C PHE C 18 -14.40 9.53 47.89
N HIS C 19 -14.18 10.67 48.56
CA HIS C 19 -13.39 10.65 49.80
C HIS C 19 -14.07 9.85 50.90
N SER C 20 -15.40 9.65 50.83
CA SER C 20 -16.08 8.81 51.84
C SER C 20 -16.67 7.50 51.32
N LEU C 21 -16.25 7.07 50.14
CA LEU C 21 -16.62 5.75 49.59
C LEU C 21 -16.31 4.63 50.58
N ASN C 22 -17.29 3.75 50.82
CA ASN C 22 -17.06 2.61 51.68
C ASN C 22 -16.35 1.49 50.95
N GLY C 23 -15.68 0.65 51.72
CA GLY C 23 -15.08 -0.55 51.18
C GLY C 23 -13.66 -0.70 51.63
N GLY C 24 -13.23 -1.95 51.70
CA GLY C 24 -11.88 -2.27 52.07
C GLY C 24 -11.61 -2.13 53.55
N GLN C 25 -10.36 -2.39 53.90
CA GLN C 25 -9.85 -2.18 55.25
C GLN C 25 -8.38 -1.86 55.28
N ASN C 26 -7.95 -1.26 56.38
CA ASN C 26 -6.57 -0.87 56.55
C ASN C 26 -5.73 -2.14 56.54
N ALA C 27 -4.54 -2.04 55.95
CA ALA C 27 -3.52 -3.02 56.24
C ALA C 27 -3.39 -3.07 57.77
N ASP C 28 -3.29 -4.27 58.32
CA ASP C 28 -3.24 -4.39 59.76
C ASP C 28 -2.20 -5.36 60.33
N TYR C 29 -1.22 -5.73 59.51
CA TYR C 29 -0.21 -6.70 59.93
C TYR C 29 0.81 -6.10 60.88
N ILE C 30 0.90 -4.76 60.91
CA ILE C 30 1.58 -4.06 61.99
C ILE C 30 0.65 -3.03 62.62
N PRO C 31 0.85 -2.73 63.90
CA PRO C 31 -0.04 -1.78 64.60
C PRO C 31 -0.11 -0.39 63.97
N PHE C 32 1.02 0.17 63.56
CA PHE C 32 1.04 1.51 63.01
C PHE C 32 0.00 1.65 61.89
N LEU C 33 0.01 0.73 60.92
CA LEU C 33 -0.95 0.81 59.82
C LEU C 33 -2.37 0.54 60.27
N ALA C 34 -2.54 -0.37 61.24
CA ALA C 34 -3.88 -0.69 61.75
C ALA C 34 -4.55 0.51 62.36
N ASN C 35 -3.75 1.36 62.96
CA ASN C 35 -4.25 2.48 63.76
C ASN C 35 -4.33 3.80 63.03
N VAL C 36 -3.92 3.86 61.77
CA VAL C 36 -4.13 5.08 61.00
C VAL C 36 -5.63 5.32 60.85
N PRO C 37 -6.12 6.51 61.23
CA PRO C 37 -7.57 6.80 61.07
C PRO C 37 -8.07 6.56 59.66
N GLY C 38 -9.05 5.68 59.55
CA GLY C 38 -9.46 5.17 58.25
C GLY C 38 -10.14 6.19 57.38
N GLN C 39 -10.64 7.27 57.97
CA GLN C 39 -11.43 8.28 57.24
C GLN C 39 -10.57 9.33 56.53
N LEU C 40 -9.29 9.32 56.81
CA LEU C 40 -8.40 10.29 56.20
C LEU C 40 -8.39 10.04 54.71
N ALA C 41 -8.35 11.12 53.93
CA ALA C 41 -8.40 11.03 52.48
C ALA C 41 -7.87 12.32 51.85
N ALA C 42 -7.06 12.17 50.80
CA ALA C 42 -6.53 13.31 50.05
C ALA C 42 -6.27 12.96 48.60
N VAL C 43 -6.11 14.00 47.82
CA VAL C 43 -5.81 13.90 46.40
C VAL C 43 -5.11 15.17 45.97
N ALA C 44 -4.12 15.02 45.10
CA ALA C 44 -3.34 16.16 44.63
C ALA C 44 -2.82 15.96 43.23
N ILE C 45 -2.69 17.08 42.51
CA ILE C 45 -1.89 17.21 41.30
C ILE C 45 -0.64 18.04 41.58
N VAL C 46 0.50 17.62 41.04
CA VAL C 46 1.67 18.47 40.90
C VAL C 46 2.04 18.47 39.42
N THR C 47 2.05 19.65 38.82
CA THR C 47 2.30 19.69 37.38
C THR C 47 3.81 19.73 37.11
N CYS C 48 4.19 19.51 35.87
CA CYS C 48 5.60 19.56 35.47
CA CYS C 48 5.61 19.54 35.48
C CYS C 48 6.20 20.95 35.56
N ASP C 49 5.33 21.97 35.64
CA ASP C 49 5.79 23.34 35.83
C ASP C 49 5.78 23.77 37.30
N GLY C 50 5.43 22.85 38.19
CA GLY C 50 5.63 23.05 39.62
C GLY C 50 4.45 23.64 40.41
N ASN C 51 3.27 23.63 39.85
CA ASN C 51 2.09 24.07 40.58
C ASN C 51 1.35 22.90 41.19
N VAL C 52 0.75 23.18 42.35
CA VAL C 52 0.10 22.20 43.17
C VAL C 52 -1.35 22.51 43.40
N TYR C 53 -2.17 21.47 43.31
CA TYR C 53 -3.62 21.55 43.45
C TYR C 53 -4.03 20.38 44.30
N SER C 54 -4.68 20.61 45.40
CA SER C 54 -4.93 19.57 46.35
C SER C 54 -6.25 19.73 47.06
N ALA C 55 -6.68 18.63 47.67
CA ALA C 55 -7.88 18.58 48.48
C ALA C 55 -7.73 17.51 49.56
N GLY C 56 -8.44 17.69 50.67
CA GLY C 56 -8.50 16.69 51.69
C GLY C 56 -7.30 16.83 52.58
N ASP C 57 -6.88 15.73 53.20
CA ASP C 57 -5.82 15.70 54.21
C ASP C 57 -4.44 15.59 53.54
N SER C 58 -4.15 16.59 52.70
CA SER C 58 -2.96 16.67 51.84
C SER C 58 -1.61 16.73 52.57
N ASP C 59 -1.64 17.09 53.84
CA ASP C 59 -0.42 17.22 54.65
C ASP C 59 -0.14 15.98 55.48
N TYR C 60 -1.12 15.07 55.55
CA TYR C 60 -0.97 13.88 56.40
C TYR C 60 0.09 12.92 55.87
N ARG C 61 1.03 12.55 56.72
CA ARG C 61 2.14 11.71 56.33
C ARG C 61 1.88 10.25 56.65
N PHE C 62 1.80 9.47 55.58
CA PHE C 62 1.55 8.04 55.63
C PHE C 62 2.77 7.25 55.13
N ALA C 63 2.81 5.96 55.44
CA ALA C 63 3.96 5.12 55.11
C ALA C 63 3.99 4.86 53.60
N LEU C 64 5.16 5.12 53.02
CA LEU C 64 5.40 4.94 51.61
C LEU C 64 5.17 3.47 51.16
N GLU C 65 5.67 2.54 51.97
CA GLU C 65 5.55 1.12 51.71
C GLU C 65 5.99 0.81 50.28
N SER C 66 5.25 0.01 49.52
CA SER C 66 5.81 -0.48 48.28
C SER C 66 5.91 0.57 47.19
N ILE C 67 5.37 1.76 47.39
CA ILE C 67 5.65 2.82 46.41
C ILE C 67 7.17 3.07 46.33
N SER C 68 7.87 2.77 47.42
CA SER C 68 9.31 2.81 47.46
C SER C 68 10.02 2.06 46.34
N LYS C 69 9.37 1.04 45.79
CA LYS C 69 9.92 0.21 44.74
C LYS C 69 10.26 1.05 43.51
N VAL C 70 9.48 2.11 43.31
CA VAL C 70 9.67 3.00 42.18
C VAL C 70 10.99 3.78 42.31
N CYS C 71 11.22 4.32 43.49
CA CYS C 71 12.40 5.10 43.80
C CYS C 71 13.67 4.27 43.71
N THR C 72 13.66 3.07 44.27
CA THR C 72 14.80 2.18 44.14
C THR C 72 15.02 1.69 42.71
N LEU C 73 13.95 1.42 41.97
CA LEU C 73 14.10 1.09 40.56
C LEU C 73 14.78 2.27 39.83
N ALA C 74 14.35 3.52 40.11
CA ALA C 74 14.99 4.69 39.50
C ALA C 74 16.48 4.75 39.82
N LEU C 75 16.83 4.47 41.06
CA LEU C 75 18.26 4.52 41.44
C LEU C 75 19.08 3.44 40.75
N ALA C 76 18.52 2.24 40.70
CA ALA C 76 19.20 1.13 40.05
C ALA C 76 19.45 1.44 38.57
N LEU C 77 18.48 2.08 37.91
CA LEU C 77 18.65 2.42 36.52
C LEU C 77 19.82 3.41 36.36
N GLU C 78 19.89 4.34 37.28
CA GLU C 78 21.01 5.32 37.30
C GLU C 78 22.34 4.59 37.48
N ASP C 79 22.38 3.66 38.44
CA ASP C 79 23.64 2.96 38.76
C ASP C 79 24.13 1.97 37.72
N VAL C 80 23.25 1.10 37.22
CA VAL C 80 23.67 0.03 36.31
C VAL C 80 23.11 0.08 34.89
N GLY C 81 22.06 0.86 34.71
CA GLY C 81 21.51 1.05 33.38
C GLY C 81 20.35 0.12 33.10
N PRO C 82 19.58 0.44 32.06
CA PRO C 82 18.40 -0.36 31.66
C PRO C 82 18.64 -1.78 31.21
N GLN C 83 19.71 -2.04 30.47
CA GLN C 83 19.93 -3.43 30.06
C GLN C 83 20.19 -4.32 31.28
N ALA C 84 21.01 -3.84 32.20
CA ALA C 84 21.32 -4.57 33.41
C ALA C 84 20.10 -4.80 34.28
N VAL C 85 19.26 -3.78 34.43
CA VAL C 85 18.03 -3.96 35.18
C VAL C 85 17.18 -5.06 34.53
N GLN C 86 17.08 -5.06 33.20
CA GLN C 86 16.26 -6.05 32.51
C GLN C 86 16.80 -7.45 32.69
N ASP C 87 18.15 -7.61 32.65
CA ASP C 87 18.78 -8.91 32.68
C ASP C 87 18.73 -9.43 34.11
N LYS C 88 18.95 -8.53 35.09
CA LYS C 88 19.20 -8.93 36.47
C LYS C 88 17.91 -8.93 37.31
N ILE C 89 16.89 -8.22 36.87
CA ILE C 89 15.59 -8.18 37.60
C ILE C 89 14.44 -8.59 36.69
N GLY C 90 14.27 -7.86 35.59
CA GLY C 90 13.27 -8.13 34.57
C GLY C 90 12.37 -6.96 34.28
N ALA C 91 11.55 -7.09 33.21
CA ALA C 91 10.62 -6.08 32.81
C ALA C 91 9.19 -6.62 32.59
N ASP C 92 8.90 -7.80 33.14
CA ASP C 92 7.61 -8.44 32.85
C ASP C 92 6.73 -8.66 34.09
N PRO C 93 5.41 -8.59 33.87
CA PRO C 93 4.46 -8.89 34.94
C PRO C 93 4.41 -10.39 35.20
N THR C 94 4.08 -10.72 36.44
CA THR C 94 4.13 -12.10 36.90
C THR C 94 2.83 -12.86 36.79
N GLY C 95 1.72 -12.13 36.71
CA GLY C 95 0.38 -12.70 36.76
C GLY C 95 -0.10 -13.15 38.15
N LEU C 96 0.72 -12.86 39.15
CA LEU C 96 0.58 -13.45 40.51
C LEU C 96 0.72 -12.38 41.61
N PRO C 97 0.30 -12.71 42.82
CA PRO C 97 0.27 -11.67 43.86
C PRO C 97 1.67 -11.12 44.24
N PHE C 98 1.66 -9.98 44.94
CA PHE C 98 2.86 -9.22 45.34
C PHE C 98 3.96 -10.06 45.97
N ASN C 99 3.57 -11.14 46.64
CA ASN C 99 4.50 -11.99 47.41
C ASN C 99 4.62 -13.42 46.94
N SER C 100 4.28 -13.68 45.67
CA SER C 100 4.17 -15.04 45.16
C SER C 100 5.52 -15.71 44.98
N VAL C 101 5.79 -16.82 45.70
CA VAL C 101 6.96 -17.63 45.40
C VAL C 101 6.71 -18.61 44.24
N ILE C 102 5.44 -18.92 43.93
CA ILE C 102 5.12 -19.71 42.72
C ILE C 102 5.64 -18.99 41.49
N ALA C 103 5.46 -17.67 41.43
CA ALA C 103 6.03 -16.87 40.36
C ALA C 103 7.53 -17.08 40.22
N LEU C 104 8.25 -17.15 41.35
CA LEU C 104 9.69 -17.33 41.31
C LEU C 104 10.00 -18.68 40.73
N GLU C 105 9.37 -19.73 41.25
CA GLU C 105 9.83 -21.04 40.87
C GLU C 105 9.40 -21.44 39.46
N LEU C 106 8.30 -20.87 38.96
CA LEU C 106 7.96 -20.94 37.53
C LEU C 106 8.94 -20.28 36.58
N HIS C 107 9.84 -19.42 37.08
CA HIS C 107 10.68 -18.64 36.20
C HIS C 107 12.14 -18.83 36.51
N GLY C 108 12.47 -19.99 37.06
CA GLY C 108 13.85 -20.34 37.36
C GLY C 108 14.48 -19.49 38.44
N GLY C 109 13.63 -18.86 39.28
CA GLY C 109 14.12 -17.98 40.33
C GLY C 109 14.27 -16.50 39.95
N LYS C 110 14.07 -16.15 38.68
CA LYS C 110 14.07 -14.73 38.28
C LYS C 110 12.78 -14.04 38.73
N PRO C 111 12.92 -12.87 39.35
CA PRO C 111 11.76 -12.16 39.89
C PRO C 111 10.83 -11.47 38.90
N LEU C 112 11.30 -11.28 37.68
CA LEU C 112 10.51 -10.78 36.58
C LEU C 112 10.27 -9.27 36.59
N SER C 113 9.91 -8.68 37.74
CA SER C 113 9.51 -7.27 37.81
C SER C 113 10.09 -6.67 39.08
N PRO C 114 10.72 -5.51 38.96
CA PRO C 114 11.20 -4.77 40.13
C PRO C 114 10.05 -4.31 41.03
N LEU C 115 8.79 -4.42 40.58
CA LEU C 115 7.65 -3.97 41.39
C LEU C 115 6.82 -5.03 42.12
N VAL C 116 7.23 -6.30 42.06
CA VAL C 116 6.72 -7.30 43.01
C VAL C 116 7.76 -7.40 44.16
N ASN C 117 7.40 -7.96 45.30
CA ASN C 117 8.36 -7.96 46.43
C ASN C 117 9.71 -8.59 46.05
N ALA C 118 9.70 -9.72 45.35
CA ALA C 118 10.95 -10.41 45.00
C ALA C 118 11.83 -9.54 44.11
N GLY C 119 11.28 -8.94 43.06
CA GLY C 119 12.04 -8.07 42.21
C GLY C 119 12.53 -6.84 42.93
N ALA C 120 11.74 -6.33 43.87
CA ALA C 120 12.09 -5.14 44.60
C ALA C 120 13.27 -5.41 45.53
N ILE C 121 13.26 -6.56 46.23
CA ILE C 121 14.36 -6.91 47.11
C ILE C 121 15.64 -7.11 46.28
N ALA C 122 15.49 -7.73 45.13
CA ALA C 122 16.61 -7.87 44.23
C ALA C 122 17.12 -6.54 43.71
N THR C 123 16.22 -5.62 43.48
CA THR C 123 16.58 -4.31 42.97
C THR C 123 17.32 -3.52 44.03
N THR C 124 16.83 -3.60 45.27
CA THR C 124 17.50 -3.01 46.39
C THR C 124 18.95 -3.54 46.52
N SER C 125 19.12 -4.83 46.22
CA SER C 125 20.45 -5.48 46.26
C SER C 125 21.34 -5.11 45.11
N LEU C 126 20.74 -4.60 44.00
CA LEU C 126 21.49 -4.26 42.79
C LEU C 126 22.16 -2.89 42.80
N ILE C 127 21.68 -1.99 43.67
CA ILE C 127 22.20 -0.61 43.94
C ILE C 127 23.67 -0.70 44.29
N ASN C 128 24.46 0.19 43.71
CA ASN C 128 25.90 0.21 44.05
C ASN C 128 26.05 0.69 45.48
N ALA C 129 26.81 -0.05 46.29
CA ALA C 129 27.02 0.35 47.66
C ALA C 129 28.18 -0.47 48.25
N GLU C 130 29.01 0.20 49.05
CA GLU C 130 30.17 -0.45 49.68
C GLU C 130 29.80 -1.15 50.97
N ASN C 131 28.72 -0.70 51.61
CA ASN C 131 28.21 -1.35 52.83
C ASN C 131 26.71 -1.05 53.02
N VAL C 132 26.11 -1.69 54.02
CA VAL C 132 24.66 -1.67 54.19
C VAL C 132 24.14 -0.26 54.51
N GLU C 133 24.89 0.49 55.31
CA GLU C 133 24.46 1.84 55.65
C GLU C 133 24.56 2.77 54.49
N GLN C 134 25.54 2.60 53.61
CA GLN C 134 25.60 3.41 52.40
C GLN C 134 24.43 3.06 51.45
N ARG C 135 24.10 1.78 51.34
CA ARG C 135 22.97 1.35 50.47
C ARG C 135 21.71 2.08 50.91
N TRP C 136 21.45 2.10 52.21
CA TRP C 136 20.29 2.77 52.76
C TRP C 136 20.36 4.26 52.46
N GLN C 137 21.51 4.88 52.73
CA GLN C 137 21.61 6.34 52.60
C GLN C 137 21.33 6.77 51.17
N ARG C 138 21.81 6.00 50.20
CA ARG C 138 21.69 6.30 48.82
C ARG C 138 20.24 6.22 48.43
N ILE C 139 19.53 5.19 48.94
CA ILE C 139 18.08 5.07 48.68
CA ILE C 139 18.08 5.09 48.69
C ILE C 139 17.28 6.19 49.36
N LEU C 140 17.60 6.49 50.62
CA LEU C 140 16.97 7.59 51.32
C LEU C 140 17.22 8.91 50.52
N HIS C 141 18.45 9.15 50.04
CA HIS C 141 18.76 10.37 49.26
C HIS C 141 17.85 10.48 48.02
N ILE C 142 17.70 9.38 47.29
CA ILE C 142 16.86 9.45 46.08
C ILE C 142 15.38 9.72 46.40
N GLN C 143 14.84 9.16 47.47
CA GLN C 143 13.45 9.39 47.84
C GLN C 143 13.26 10.88 48.11
N GLN C 144 14.18 11.47 48.89
CA GLN C 144 14.09 12.91 49.20
C GLN C 144 14.20 13.79 47.96
N GLN C 145 15.08 13.43 47.02
CA GLN C 145 15.23 14.22 45.80
C GLN C 145 13.97 14.14 44.92
N LEU C 146 13.32 12.98 44.92
CA LEU C 146 12.20 12.72 44.01
C LEU C 146 10.90 13.27 44.58
N ALA C 147 10.71 13.14 45.88
CA ALA C 147 9.41 13.41 46.50
C ALA C 147 9.38 14.59 47.49
N GLY C 148 10.52 14.89 48.10
CA GLY C 148 10.60 16.01 49.04
C GLY C 148 11.55 15.75 50.18
N GLU C 149 12.24 16.80 50.61
CA GLU C 149 13.23 16.77 51.69
C GLU C 149 12.72 16.22 53.03
N GLN C 150 11.43 16.41 53.32
CA GLN C 150 10.80 15.95 54.55
C GLN C 150 10.61 14.41 54.68
N VAL C 151 10.73 13.70 53.57
CA VAL C 151 10.55 12.25 53.58
C VAL C 151 11.65 11.67 54.45
N ALA C 152 11.27 10.86 55.42
CA ALA C 152 12.21 10.32 56.41
C ALA C 152 11.68 9.04 57.00
N LEU C 153 12.62 8.22 57.48
CA LEU C 153 12.29 6.93 58.07
C LEU C 153 11.49 7.07 59.37
N SER C 154 10.38 6.36 59.45
CA SER C 154 9.69 6.22 60.71
C SER C 154 10.34 5.07 61.48
N ASP C 155 10.97 5.39 62.62
CA ASP C 155 11.50 4.33 63.48
C ASP C 155 10.49 3.29 63.92
N GLU C 156 9.27 3.73 64.25
CA GLU C 156 8.22 2.83 64.65
C GLU C 156 7.78 1.87 63.52
N VAL C 157 7.54 2.42 62.33
CA VAL C 157 7.23 1.53 61.20
C VAL C 157 8.35 0.54 60.92
N ASN C 158 9.59 1.02 60.79
CA ASN C 158 10.74 0.16 60.54
C ASN C 158 10.90 -0.93 61.60
N GLN C 159 10.75 -0.58 62.87
CA GLN C 159 10.99 -1.58 63.92
C GLN C 159 9.95 -2.70 63.80
N SER C 160 8.69 -2.31 63.60
CA SER C 160 7.60 -3.27 63.45
C SER C 160 7.69 -4.15 62.18
N GLU C 161 8.13 -3.55 61.08
CA GLU C 161 8.29 -4.27 59.81
C GLU C 161 9.48 -5.21 59.93
N GLN C 162 10.54 -4.74 60.57
CA GLN C 162 11.78 -5.52 60.67
C GLN C 162 11.53 -6.78 61.48
N THR C 163 10.56 -6.75 62.37
CA THR C 163 10.31 -7.88 63.28
C THR C 163 9.17 -8.77 62.88
N THR C 164 8.55 -8.50 61.71
CA THR C 164 7.44 -9.30 61.20
C THR C 164 7.65 -9.77 59.76
N ASN C 165 8.80 -9.47 59.16
CA ASN C 165 8.99 -9.63 57.72
C ASN C 165 9.57 -10.98 57.28
N PHE C 166 9.17 -12.02 58.00
CA PHE C 166 9.61 -13.41 57.73
C PHE C 166 9.47 -13.92 56.31
N HIS C 167 8.36 -13.60 55.67
CA HIS C 167 8.14 -14.03 54.33
C HIS C 167 9.09 -13.36 53.34
N ASN C 168 9.39 -12.08 53.60
CA ASN C 168 10.43 -11.36 52.81
C ASN C 168 11.82 -11.95 53.03
N ARG C 169 12.12 -12.40 54.25
CA ARG C 169 13.38 -13.11 54.50
C ARG C 169 13.49 -14.36 53.64
N ALA C 170 12.43 -15.13 53.61
CA ALA C 170 12.34 -16.29 52.70
C ALA C 170 12.61 -15.93 51.24
N ILE C 171 11.94 -14.89 50.74
CA ILE C 171 12.16 -14.46 49.39
C ILE C 171 13.61 -14.04 49.17
N ALA C 172 14.21 -13.33 50.13
CA ALA C 172 15.61 -12.93 49.99
C ALA C 172 16.53 -14.13 49.79
N TRP C 173 16.28 -15.20 50.55
CA TRP C 173 17.06 -16.43 50.39
C TRP C 173 16.81 -17.17 49.08
N LEU C 174 15.56 -17.20 48.62
CA LEU C 174 15.23 -17.84 47.34
C LEU C 174 16.00 -17.12 46.23
N LEU C 175 15.96 -15.79 46.24
CA LEU C 175 16.70 -15.01 45.23
C LEU C 175 18.19 -15.30 45.29
N TYR C 176 18.74 -15.26 46.49
CA TYR C 176 20.15 -15.49 46.74
C TYR C 176 20.58 -16.84 46.23
N SER C 177 19.77 -17.88 46.54
CA SER C 177 20.03 -19.25 46.12
C SER C 177 20.09 -19.38 44.62
N ALA C 178 19.22 -18.65 43.93
CA ALA C 178 19.10 -18.76 42.48
C ALA C 178 20.06 -17.86 41.70
N GLY C 179 20.82 -17.01 42.37
CA GLY C 179 21.70 -16.09 41.66
C GLY C 179 21.07 -14.77 41.26
N TYR C 180 19.89 -14.46 41.80
CA TYR C 180 19.19 -13.20 41.51
C TYR C 180 19.22 -12.23 42.70
N LEU C 181 20.24 -12.34 43.56
CA LEU C 181 20.45 -11.36 44.62
C LEU C 181 21.88 -10.96 44.59
N TYR C 182 22.14 -9.66 44.72
CA TYR C 182 23.43 -9.12 44.30
C TYR C 182 24.15 -8.50 45.48
N CYS C 183 23.65 -8.76 46.66
CA CYS C 183 24.40 -8.53 47.89
C CYS C 183 23.96 -9.56 48.95
N ASP C 184 24.52 -9.43 50.16
CA ASP C 184 24.13 -10.24 51.31
C ASP C 184 22.58 -10.21 51.50
N ALA C 185 22.01 -11.39 51.76
CA ALA C 185 20.57 -11.57 51.77
C ALA C 185 19.89 -10.79 52.86
N MET C 186 20.45 -10.80 54.07
CA MET C 186 19.78 -10.09 55.13
C MET C 186 20.03 -8.57 54.99
N GLU C 187 21.17 -8.14 54.41
CA GLU C 187 21.38 -6.75 54.05
C GLU C 187 20.28 -6.28 53.09
N ALA C 188 20.01 -7.05 52.05
CA ALA C 188 18.98 -6.63 51.08
C ALA C 188 17.62 -6.56 51.73
N CYS C 189 17.29 -7.56 52.54
CA CYS C 189 15.99 -7.61 53.21
C CYS C 189 15.83 -6.44 54.20
N ASP C 190 16.90 -6.14 54.94
CA ASP C 190 16.89 -5.04 55.87
C ASP C 190 16.65 -3.71 55.16
N VAL C 191 17.40 -3.43 54.11
CA VAL C 191 17.28 -2.11 53.47
C VAL C 191 15.94 -1.99 52.73
N TYR C 192 15.51 -3.08 52.13
CA TYR C 192 14.17 -3.10 51.54
C TYR C 192 13.08 -2.70 52.56
N THR C 193 13.17 -3.24 53.76
CA THR C 193 12.25 -2.95 54.82
C THR C 193 12.35 -1.46 55.25
N ARG C 194 13.58 -0.94 55.35
CA ARG C 194 13.77 0.52 55.59
C ARG C 194 13.09 1.42 54.54
N GLN C 195 13.32 1.12 53.28
CA GLN C 195 12.81 1.98 52.19
C GLN C 195 11.28 2.03 52.19
N CYS C 196 10.65 0.99 52.70
CA CYS C 196 9.18 0.90 52.84
C CYS C 196 8.62 1.68 54.02
N SER C 197 9.51 2.05 54.94
CA SER C 197 9.17 2.57 56.24
C SER C 197 9.29 4.08 56.36
N THR C 198 9.51 4.76 55.24
CA THR C 198 9.53 6.24 55.25
C THR C 198 8.09 6.78 55.18
N LEU C 199 7.92 8.03 55.61
CA LEU C 199 6.60 8.68 55.62
C LEU C 199 6.55 9.84 54.63
N LEU C 200 5.46 9.97 53.90
CA LEU C 200 5.28 11.13 53.01
C LEU C 200 3.82 11.51 52.96
N ASN C 201 3.53 12.76 52.56
CA ASN C 201 2.15 13.19 52.34
C ASN C 201 1.74 13.10 50.84
N THR C 202 0.48 13.39 50.58
CA THR C 202 -0.08 13.16 49.25
C THR C 202 0.55 14.10 48.21
N ILE C 203 0.83 15.34 48.62
CA ILE C 203 1.55 16.26 47.75
C ILE C 203 2.97 15.78 47.40
N GLU C 204 3.69 15.26 48.38
CA GLU C 204 5.01 14.68 48.13
C GLU C 204 4.90 13.46 47.18
N LEU C 205 3.89 12.63 47.40
CA LEU C 205 3.64 11.51 46.48
C LEU C 205 3.39 12.00 45.05
N ALA C 206 2.58 13.02 44.90
CA ALA C 206 2.30 13.61 43.59
C ALA C 206 3.60 14.24 43.02
N THR C 207 4.48 14.69 43.88
CA THR C 207 5.74 15.27 43.43
C THR C 207 6.64 14.17 42.80
N LEU C 208 6.71 13.00 43.44
CA LEU C 208 7.40 11.86 42.83
C LEU C 208 6.84 11.67 41.39
N GLY C 209 5.53 11.66 41.29
CA GLY C 209 4.89 11.52 39.99
C GLY C 209 5.28 12.64 39.02
N ALA C 210 5.32 13.87 39.53
CA ALA C 210 5.65 15.04 38.69
C ALA C 210 7.11 15.02 38.21
N THR C 211 8.02 14.57 39.08
CA THR C 211 9.41 14.43 38.71
C THR C 211 9.55 13.44 37.53
N LEU C 212 8.79 12.36 37.57
CA LEU C 212 8.80 11.40 36.49
C LEU C 212 8.17 12.02 35.28
N ALA C 213 7.03 12.72 35.47
CA ALA C 213 6.27 13.31 34.38
C ALA C 213 7.19 14.30 33.61
N ALA C 214 8.07 14.96 34.34
CA ALA C 214 8.94 15.96 33.76
C ALA C 214 10.22 15.39 33.18
N GLY C 215 10.27 14.07 33.01
CA GLY C 215 11.45 13.41 32.49
C GLY C 215 12.64 13.48 33.44
N GLY C 216 12.39 13.50 34.74
CA GLY C 216 13.40 13.42 35.77
C GLY C 216 13.82 14.67 36.50
N VAL C 217 13.11 15.76 36.23
CA VAL C 217 13.34 17.03 36.91
C VAL C 217 12.27 17.24 37.95
N ASN C 218 12.67 17.43 39.21
CA ASN C 218 11.75 17.78 40.27
C ASN C 218 11.27 19.21 40.04
N PRO C 219 9.98 19.42 39.76
CA PRO C 219 9.48 20.77 39.43
C PRO C 219 9.41 21.71 40.63
N LEU C 220 9.42 21.20 41.87
CA LEU C 220 9.46 22.09 43.03
C LEU C 220 10.86 22.53 43.45
N THR C 221 11.86 21.69 43.26
CA THR C 221 13.21 22.07 43.56
C THR C 221 14.01 22.53 42.35
N HIS C 222 13.46 22.37 41.14
CA HIS C 222 14.13 22.76 39.87
C HIS C 222 15.45 22.03 39.60
N LYS C 223 15.55 20.79 40.07
CA LYS C 223 16.69 19.92 39.92
C LYS C 223 16.46 18.69 39.07
N ARG C 224 17.38 18.40 38.17
CA ARG C 224 17.42 17.11 37.53
C ARG C 224 17.89 16.06 38.55
N VAL C 225 17.01 15.11 38.86
CA VAL C 225 17.27 13.98 39.74
C VAL C 225 17.65 12.72 39.00
N LEU C 226 16.99 12.46 37.86
CA LEU C 226 17.21 11.31 37.01
C LEU C 226 17.56 11.75 35.60
N GLN C 227 18.35 10.93 34.90
CA GLN C 227 18.60 11.09 33.47
C GLN C 227 17.29 10.84 32.75
N ALA C 228 16.94 11.72 31.81
CA ALA C 228 15.69 11.61 31.04
C ALA C 228 15.53 10.28 30.36
N ASP C 229 16.62 9.72 29.84
CA ASP C 229 16.56 8.47 29.11
C ASP C 229 16.09 7.29 30.00
N ASN C 230 16.28 7.40 31.30
CA ASN C 230 15.88 6.33 32.23
C ASN C 230 14.41 6.30 32.62
N VAL C 231 13.78 7.46 32.54
CA VAL C 231 12.39 7.56 33.00
C VAL C 231 11.37 6.70 32.23
N PRO C 232 11.40 6.58 30.91
CA PRO C 232 10.45 5.67 30.25
C PRO C 232 10.50 4.22 30.77
N TYR C 233 11.66 3.77 31.21
CA TYR C 233 11.78 2.42 31.69
C TYR C 233 11.05 2.28 33.01
N ILE C 234 11.12 3.31 33.87
CA ILE C 234 10.40 3.29 35.13
C ILE C 234 8.89 3.21 34.89
N LEU C 235 8.41 4.09 34.03
CA LEU C 235 6.99 4.11 33.66
C LEU C 235 6.45 2.83 33.01
N ALA C 236 7.24 2.18 32.15
CA ALA C 236 6.83 0.92 31.55
C ALA C 236 6.69 -0.15 32.64
N GLU C 237 7.65 -0.19 33.57
CA GLU C 237 7.54 -1.16 34.67
C GLU C 237 6.30 -0.91 35.51
N MET C 238 5.98 0.37 35.77
CA MET C 238 4.78 0.71 36.51
C MET C 238 3.54 0.30 35.75
N MET C 239 3.52 0.53 34.45
CA MET C 239 2.34 0.14 33.65
C MET C 239 2.11 -1.36 33.73
N MET C 240 3.18 -2.16 33.75
CA MET C 240 2.99 -3.59 33.76
CA MET C 240 3.02 -3.61 33.77
C MET C 240 2.58 -4.18 35.11
N GLU C 241 3.00 -3.55 36.21
CA GLU C 241 2.93 -4.20 37.55
C GLU C 241 2.61 -3.34 38.75
N GLY C 242 2.44 -2.05 38.55
CA GLY C 242 2.44 -1.09 39.66
C GLY C 242 1.28 -1.27 40.62
N LEU C 243 0.17 -1.83 40.11
CA LEU C 243 -1.00 -2.12 40.94
C LEU C 243 -1.23 -3.65 41.05
N TYR C 244 -0.12 -4.39 40.94
CA TYR C 244 -0.08 -5.83 41.14
C TYR C 244 -0.99 -6.51 40.13
N GLY C 245 -1.82 -7.45 40.55
CA GLY C 245 -2.67 -8.17 39.62
C GLY C 245 -3.83 -7.39 39.02
N ARG C 246 -4.00 -6.14 39.46
CA ARG C 246 -4.97 -5.22 38.89
C ARG C 246 -4.33 -4.15 38.06
N SER C 247 -3.05 -4.32 37.69
CA SER C 247 -2.42 -3.38 36.77
C SER C 247 -3.07 -3.28 35.37
N GLY C 248 -3.46 -4.42 34.84
CA GLY C 248 -4.18 -4.46 33.56
C GLY C 248 -5.49 -3.69 33.63
N ASP C 249 -6.23 -3.94 34.69
CA ASP C 249 -7.49 -3.23 34.95
C ASP C 249 -7.29 -1.76 35.00
N TRP C 250 -6.22 -1.34 35.68
CA TRP C 250 -5.86 0.05 35.75
C TRP C 250 -5.49 0.63 34.39
N ALA C 251 -4.73 -0.10 33.60
CA ALA C 251 -4.33 0.36 32.26
C ALA C 251 -5.60 0.51 31.36
N TYR C 252 -6.49 -0.42 31.54
CA TYR C 252 -7.76 -0.49 30.80
C TYR C 252 -8.66 0.70 31.11
N ARG C 253 -8.85 0.98 32.39
CA ARG C 253 -9.79 2.00 32.79
C ARG C 253 -9.20 3.39 32.84
N VAL C 254 -7.95 3.49 33.26
CA VAL C 254 -7.29 4.77 33.46
C VAL C 254 -6.20 5.10 32.43
N GLY C 255 -5.37 4.12 32.09
CA GLY C 255 -4.37 4.33 31.06
C GLY C 255 -3.23 5.24 31.39
N LEU C 256 -2.86 5.27 32.66
CA LEU C 256 -1.67 6.00 33.10
C LEU C 256 -0.81 5.03 33.98
N PRO C 257 0.49 5.04 33.80
CA PRO C 257 1.37 4.26 34.67
C PRO C 257 1.16 4.69 36.11
N GLY C 258 0.99 3.68 36.96
CA GLY C 258 0.61 3.88 38.34
C GLY C 258 1.40 3.00 39.33
N LYS C 259 1.25 3.30 40.61
CA LYS C 259 1.82 2.49 41.66
C LYS C 259 1.01 2.65 42.93
N SER C 260 0.73 1.52 43.61
CA SER C 260 0.11 1.53 44.93
C SER C 260 1.08 1.16 46.05
N GLY C 261 0.67 1.47 47.27
CA GLY C 261 1.32 0.97 48.47
C GLY C 261 0.30 0.73 49.57
N VAL C 262 0.63 -0.11 50.53
CA VAL C 262 -0.37 -0.50 51.54
C VAL C 262 -0.51 0.58 52.63
N GLY C 263 0.26 1.66 52.55
CA GLY C 263 -0.05 2.81 53.36
C GLY C 263 -1.29 3.55 52.87
N GLY C 264 -1.79 3.17 51.68
CA GLY C 264 -2.99 3.78 51.11
C GLY C 264 -2.73 4.77 49.96
N GLY C 265 -1.48 4.99 49.60
CA GLY C 265 -1.12 5.81 48.45
C GLY C 265 -1.40 5.17 47.09
N ILE C 266 -1.83 6.00 46.18
CA ILE C 266 -1.93 5.68 44.76
C ILE C 266 -1.32 6.83 43.97
N LEU C 267 -0.44 6.48 43.04
CA LEU C 267 0.29 7.43 42.19
C LEU C 267 0.01 7.12 40.73
N ALA C 268 -0.23 8.15 39.93
CA ALA C 268 -0.27 7.99 38.48
C ALA C 268 0.58 9.10 37.85
N VAL C 269 1.15 8.80 36.68
CA VAL C 269 1.98 9.76 35.97
C VAL C 269 1.40 10.01 34.60
N VAL C 270 1.23 11.30 34.27
CA VAL C 270 0.88 11.71 32.90
C VAL C 270 2.17 12.22 32.27
N PRO C 271 2.79 11.43 31.38
CA PRO C 271 4.11 11.78 30.84
C PRO C 271 4.11 13.16 30.21
N GLY C 272 5.03 14.00 30.68
CA GLY C 272 5.16 15.35 30.22
C GLY C 272 4.25 16.40 30.82
N VAL C 273 3.35 16.00 31.70
CA VAL C 273 2.29 16.91 32.14
C VAL C 273 2.20 17.04 33.65
N MET C 274 2.03 15.94 34.40
CA MET C 274 1.75 16.05 35.82
C MET C 274 1.86 14.68 36.52
N GLY C 275 2.08 14.75 37.82
CA GLY C 275 1.81 13.64 38.72
C GLY C 275 0.46 13.80 39.37
N ILE C 276 -0.26 12.70 39.55
CA ILE C 276 -1.56 12.70 40.24
C ILE C 276 -1.49 11.66 41.35
N ALA C 277 -1.84 12.04 42.57
CA ALA C 277 -1.72 11.14 43.70
C ALA C 277 -2.96 11.24 44.55
N ALA C 278 -3.27 10.16 45.25
CA ALA C 278 -4.30 10.17 46.27
C ALA C 278 -3.96 9.19 47.37
N PHE C 279 -4.68 9.33 48.45
CA PHE C 279 -4.46 8.51 49.62
C PHE C 279 -5.72 8.28 50.44
N SER C 280 -5.90 7.03 50.85
CA SER C 280 -6.83 6.74 51.93
C SER C 280 -6.53 5.36 52.44
N PRO C 281 -6.47 5.13 53.76
CA PRO C 281 -5.96 3.86 54.29
C PRO C 281 -6.71 2.58 53.89
N PRO C 282 -8.02 2.57 53.77
CA PRO C 282 -8.69 1.30 53.44
C PRO C 282 -8.33 0.73 52.04
N LEU C 283 -7.82 -0.50 52.03
CA LEU C 283 -7.33 -1.19 50.85
C LEU C 283 -8.31 -2.26 50.36
N ASP C 284 -8.32 -2.49 49.05
CA ASP C 284 -9.09 -3.60 48.48
C ASP C 284 -8.28 -4.91 48.59
N GLU C 285 -8.80 -6.00 48.05
CA GLU C 285 -8.17 -7.31 48.24
C GLU C 285 -6.85 -7.44 47.53
N ASP C 286 -6.57 -6.57 46.55
CA ASP C 286 -5.28 -6.55 45.91
C ASP C 286 -4.26 -5.62 46.56
N GLY C 287 -4.61 -5.02 47.69
CA GLY C 287 -3.76 -4.11 48.45
C GLY C 287 -3.79 -2.66 47.97
N ASN C 288 -4.78 -2.30 47.17
CA ASN C 288 -4.83 -0.99 46.52
C ASN C 288 -5.93 -0.15 47.19
N SER C 289 -5.61 1.08 47.62
CA SER C 289 -6.61 1.94 48.25
C SER C 289 -7.90 2.03 47.44
N VAL C 290 -9.01 1.72 48.09
CA VAL C 290 -10.32 1.80 47.40
C VAL C 290 -10.58 3.25 46.98
N ARG C 291 -10.46 4.19 47.91
CA ARG C 291 -10.78 5.58 47.56
C ARG C 291 -9.63 6.20 46.76
N GLY C 292 -8.38 5.83 47.07
CA GLY C 292 -7.24 6.36 46.34
C GLY C 292 -7.29 6.11 44.84
N GLN C 293 -7.62 4.88 44.48
CA GLN C 293 -7.79 4.53 43.06
C GLN C 293 -8.86 5.33 42.39
N LYS C 294 -10.03 5.46 43.05
CA LYS C 294 -11.15 6.22 42.49
C LYS C 294 -10.81 7.69 42.36
N MET C 295 -10.08 8.27 43.32
CA MET C 295 -9.79 9.71 43.27
C MET C 295 -8.78 10.03 42.16
N VAL C 296 -7.75 9.19 42.03
CA VAL C 296 -6.77 9.41 40.95
C VAL C 296 -7.42 9.19 39.59
N ALA C 297 -8.19 8.11 39.46
CA ALA C 297 -8.88 7.83 38.18
C ALA C 297 -9.81 8.98 37.78
N SER C 298 -10.52 9.50 38.77
CA SER C 298 -11.45 10.58 38.54
C SER C 298 -10.76 11.81 37.97
N VAL C 299 -9.64 12.18 38.56
CA VAL C 299 -8.90 13.32 38.07
C VAL C 299 -8.41 13.12 36.64
N ALA C 300 -7.84 11.96 36.37
CA ALA C 300 -7.34 11.63 35.05
C ALA C 300 -8.47 11.62 34.03
N LYS C 301 -9.62 11.09 34.40
CA LYS C 301 -10.75 10.99 33.45
C LYS C 301 -11.27 12.39 33.23
N GLN C 302 -11.41 13.18 34.31
CA GLN C 302 -11.97 14.54 34.14
C GLN C 302 -11.11 15.40 33.22
N LEU C 303 -9.79 15.25 33.31
CA LEU C 303 -8.86 16.06 32.53
C LEU C 303 -8.48 15.44 31.19
N GLY C 304 -8.93 14.21 30.95
CA GLY C 304 -8.77 13.61 29.63
C GLY C 304 -7.43 12.93 29.39
N TYR C 305 -6.72 12.55 30.45
CA TYR C 305 -5.38 11.98 30.29
C TYR C 305 -5.35 10.47 30.30
N ASN C 306 -4.72 9.92 29.28
CA ASN C 306 -4.63 8.45 29.07
C ASN C 306 -3.59 8.31 27.95
N VAL C 307 -2.51 7.55 28.20
CA VAL C 307 -1.43 7.42 27.22
C VAL C 307 -1.85 6.65 25.95
N PHE C 308 -3.01 5.99 26.00
CA PHE C 308 -3.54 5.27 24.86
C PHE C 308 -4.52 6.09 24.03
N LYS C 309 -4.54 7.40 24.27
CA LYS C 309 -5.44 8.38 23.62
C LYS C 309 -4.52 9.37 22.91
N GLY C 310 -4.77 9.63 21.63
CA GLY C 310 -4.01 10.59 20.85
C GLY C 310 -4.11 12.03 21.31
N LEU D 2 3.69 15.45 9.39
CA LEU D 2 4.91 14.58 9.48
C LEU D 2 5.82 14.78 8.29
N ASP D 3 7.13 14.61 8.47
CA ASP D 3 8.05 14.77 7.35
C ASP D 3 8.21 13.48 6.56
N ALA D 4 7.68 13.48 5.34
CA ALA D 4 7.74 12.32 4.45
C ALA D 4 9.13 11.76 4.27
N ASN D 5 10.14 12.63 4.17
CA ASN D 5 11.50 12.13 4.00
C ASN D 5 12.02 11.44 5.27
N LYS D 6 11.72 11.98 6.46
CA LYS D 6 12.15 11.31 7.70
C LYS D 6 11.47 9.94 7.84
N LEU D 7 10.19 9.84 7.47
CA LEU D 7 9.46 8.56 7.61
C LEU D 7 9.97 7.50 6.66
N GLN D 8 10.21 7.84 5.40
CA GLN D 8 10.75 6.87 4.44
C GLN D 8 12.14 6.47 4.87
N GLN D 9 12.95 7.44 5.30
CA GLN D 9 14.29 7.12 5.79
C GLN D 9 14.26 6.12 6.95
N ALA D 10 13.33 6.33 7.91
CA ALA D 10 13.16 5.44 9.05
C ALA D 10 12.88 3.98 8.64
N VAL D 11 11.91 3.83 7.77
CA VAL D 11 11.55 2.52 7.23
C VAL D 11 12.74 1.90 6.46
N ASP D 12 13.37 2.70 5.60
CA ASP D 12 14.54 2.25 4.88
C ASP D 12 15.70 1.82 5.81
N GLN D 13 16.01 2.62 6.83
CA GLN D 13 17.13 2.28 7.73
C GLN D 13 16.82 1.00 8.52
N ALA D 14 15.59 0.90 9.02
CA ALA D 14 15.17 -0.30 9.73
C ALA D 14 15.32 -1.55 8.89
N TYR D 15 14.85 -1.49 7.63
CA TYR D 15 14.94 -2.59 6.70
C TYR D 15 16.44 -2.94 6.41
N THR D 16 17.25 -1.95 6.09
CA THR D 16 18.66 -2.22 5.77
C THR D 16 19.38 -2.84 6.95
N GLN D 17 19.17 -2.24 8.12
CA GLN D 17 19.83 -2.74 9.30
C GLN D 17 19.39 -4.18 9.73
N PHE D 18 18.15 -4.59 9.50
CA PHE D 18 17.65 -5.83 10.09
C PHE D 18 17.00 -6.86 9.17
N HIS D 19 16.79 -6.57 7.89
CA HIS D 19 15.97 -7.45 7.06
C HIS D 19 16.56 -8.85 6.84
N SER D 20 17.88 -8.96 6.97
CA SER D 20 18.61 -10.22 6.80
C SER D 20 19.17 -10.80 8.11
N LEU D 21 18.90 -10.15 9.24
CA LEU D 21 19.26 -10.67 10.55
C LEU D 21 18.93 -12.16 10.70
N ASN D 22 19.92 -12.98 11.03
CA ASN D 22 19.65 -14.40 11.22
C ASN D 22 19.11 -14.66 12.62
N GLY D 23 18.43 -15.78 12.81
CA GLY D 23 17.91 -16.09 14.14
C GLY D 23 16.46 -16.51 14.06
N GLY D 24 16.08 -17.36 15.00
CA GLY D 24 14.72 -17.85 15.10
C GLY D 24 14.38 -18.92 14.07
N GLN D 25 13.13 -19.31 14.03
CA GLN D 25 12.62 -20.40 13.18
C GLN D 25 11.17 -20.16 12.79
N ASN D 26 10.82 -20.49 11.55
CA ASN D 26 9.41 -20.43 11.13
C ASN D 26 8.56 -21.28 12.01
N ALA D 27 7.35 -20.80 12.33
CA ALA D 27 6.35 -21.71 12.88
C ALA D 27 6.19 -22.84 11.84
N ASP D 28 6.09 -24.06 12.35
CA ASP D 28 6.07 -25.24 11.49
C ASP D 28 5.07 -26.31 11.86
N TYR D 29 4.10 -25.97 12.72
CA TYR D 29 3.09 -26.94 13.13
C TYR D 29 2.08 -27.23 12.02
N ILE D 30 2.01 -26.39 11.01
CA ILE D 30 1.33 -26.74 9.75
C ILE D 30 2.25 -26.43 8.57
N PRO D 31 2.13 -27.15 7.46
CA PRO D 31 3.06 -26.99 6.33
C PRO D 31 3.03 -25.59 5.70
N PHE D 32 1.87 -24.95 5.61
CA PHE D 32 1.80 -23.62 5.02
C PHE D 32 2.83 -22.71 5.69
N LEU D 33 2.82 -22.65 7.02
CA LEU D 33 3.72 -21.76 7.75
C LEU D 33 5.18 -22.22 7.64
N ALA D 34 5.39 -23.53 7.69
CA ALA D 34 6.74 -24.05 7.59
C ALA D 34 7.38 -23.71 6.26
N ASN D 35 6.59 -23.64 5.20
CA ASN D 35 7.06 -23.44 3.82
C ASN D 35 7.20 -21.97 3.34
N VAL D 36 6.81 -21.02 4.18
CA VAL D 36 6.89 -19.61 3.74
C VAL D 36 8.36 -19.28 3.65
N PRO D 37 8.86 -18.76 2.53
CA PRO D 37 10.29 -18.45 2.42
C PRO D 37 10.79 -17.59 3.57
N GLY D 38 11.80 -18.05 4.29
CA GLY D 38 12.23 -17.44 5.53
C GLY D 38 12.92 -16.11 5.41
N GLN D 39 13.44 -15.82 4.22
CA GLN D 39 14.17 -14.57 4.00
C GLN D 39 13.23 -13.38 3.76
N LEU D 40 11.94 -13.62 3.55
CA LEU D 40 10.99 -12.52 3.28
C LEU D 40 10.99 -11.60 4.49
N ALA D 41 10.97 -10.28 4.26
CA ALA D 41 11.07 -9.28 5.32
C ALA D 41 10.56 -7.95 4.81
N ALA D 42 9.72 -7.30 5.63
CA ALA D 42 9.11 -6.02 5.27
C ALA D 42 8.85 -5.20 6.51
N VAL D 43 8.78 -3.89 6.30
CA VAL D 43 8.41 -2.94 7.33
C VAL D 43 7.67 -1.77 6.69
N ALA D 44 6.62 -1.30 7.35
CA ALA D 44 5.80 -0.21 6.84
C ALA D 44 5.23 0.70 7.90
N ILE D 45 4.96 1.95 7.49
CA ILE D 45 4.26 2.96 8.28
C ILE D 45 3.02 3.34 7.47
N VAL D 46 1.88 3.41 8.14
CA VAL D 46 0.72 4.09 7.61
C VAL D 46 0.29 5.15 8.60
N THR D 47 0.21 6.41 8.16
CA THR D 47 -0.04 7.51 9.09
C THR D 47 -1.51 7.78 9.23
N CYS D 48 -1.86 8.54 10.26
CA CYS D 48 -3.26 8.91 10.50
CA CYS D 48 -3.27 8.91 10.47
C CYS D 48 -3.83 9.75 9.33
N ASP D 49 -2.96 10.40 8.56
CA ASP D 49 -3.37 11.12 7.33
C ASP D 49 -3.40 10.28 6.06
N GLY D 50 -3.12 9.00 6.16
CA GLY D 50 -3.26 8.08 5.04
C GLY D 50 -2.04 7.98 4.13
N ASN D 51 -0.87 8.38 4.61
CA ASN D 51 0.36 8.26 3.81
C ASN D 51 1.04 6.96 4.19
N VAL D 52 1.63 6.30 3.21
CA VAL D 52 2.19 4.93 3.37
C VAL D 52 3.64 4.99 2.96
N TYR D 53 4.49 4.40 3.79
CA TYR D 53 5.93 4.30 3.56
C TYR D 53 6.33 2.86 3.87
N SER D 54 7.03 2.19 2.94
CA SER D 54 7.47 0.85 3.21
C SER D 54 8.80 0.51 2.59
N ALA D 55 9.31 -0.61 3.08
CA ALA D 55 10.52 -1.23 2.53
C ALA D 55 10.38 -2.73 2.56
N GLY D 56 11.07 -3.44 1.66
CA GLY D 56 11.01 -4.89 1.64
C GLY D 56 9.75 -5.44 0.93
N ASP D 57 9.42 -6.67 1.32
CA ASP D 57 8.37 -7.48 0.73
C ASP D 57 6.99 -7.08 1.25
N SER D 58 6.70 -5.80 1.19
CA SER D 58 5.53 -5.24 1.89
C SER D 58 4.18 -5.58 1.27
N ASP D 59 4.17 -6.10 0.04
CA ASP D 59 2.92 -6.59 -0.61
C ASP D 59 2.62 -8.08 -0.39
N TYR D 60 3.57 -8.80 0.20
CA TYR D 60 3.47 -10.24 0.37
C TYR D 60 2.44 -10.55 1.46
N ARG D 61 1.48 -11.42 1.13
CA ARG D 61 0.36 -11.78 2.02
C ARG D 61 0.73 -13.01 2.88
N PHE D 62 0.78 -12.78 4.19
CA PHE D 62 1.07 -13.80 5.22
C PHE D 62 -0.16 -13.98 6.16
N ALA D 63 -0.15 -15.09 6.88
CA ALA D 63 -1.22 -15.44 7.81
C ALA D 63 -1.29 -14.50 8.99
N LEU D 64 -2.47 -13.89 9.19
CA LEU D 64 -2.70 -12.98 10.30
C LEU D 64 -2.51 -13.61 11.69
N GLU D 65 -3.00 -14.84 11.78
CA GLU D 65 -2.92 -15.66 12.97
C GLU D 65 -3.37 -14.91 14.21
N SER D 66 -2.61 -14.85 15.32
CA SER D 66 -3.15 -14.30 16.57
C SER D 66 -3.29 -12.77 16.54
N ILE D 67 -2.78 -12.10 15.52
CA ILE D 67 -3.03 -10.66 15.45
C ILE D 67 -4.55 -10.44 15.32
N SER D 68 -5.27 -11.44 14.74
CA SER D 68 -6.74 -11.46 14.64
C SER D 68 -7.45 -11.17 15.97
N LYS D 69 -6.81 -11.52 17.08
CA LYS D 69 -7.39 -11.27 18.42
C LYS D 69 -7.74 -9.80 18.63
N VAL D 70 -6.94 -8.92 18.03
CA VAL D 70 -7.17 -7.49 18.14
C VAL D 70 -8.47 -7.07 17.43
N CYS D 71 -8.70 -7.62 16.24
CA CYS D 71 -9.90 -7.28 15.48
C CYS D 71 -11.18 -7.75 16.13
N THR D 72 -11.17 -8.98 16.66
CA THR D 72 -12.31 -9.52 17.37
C THR D 72 -12.53 -8.83 18.68
N LEU D 73 -11.47 -8.42 19.39
CA LEU D 73 -11.64 -7.60 20.55
C LEU D 73 -12.36 -6.28 20.21
N ALA D 74 -11.94 -5.64 19.10
CA ALA D 74 -12.52 -4.39 18.66
C ALA D 74 -14.01 -4.59 18.46
N LEU D 75 -14.37 -5.68 17.80
CA LEU D 75 -15.76 -5.96 17.46
C LEU D 75 -16.58 -6.23 18.73
N ALA D 76 -16.01 -6.99 19.68
CA ALA D 76 -16.66 -7.24 20.95
C ALA D 76 -16.94 -5.95 21.69
N LEU D 77 -15.98 -5.03 21.71
CA LEU D 77 -16.19 -3.74 22.38
C LEU D 77 -17.34 -2.97 21.72
N GLU D 78 -17.41 -2.98 20.39
CA GLU D 78 -18.56 -2.33 19.69
C GLU D 78 -19.90 -3.00 20.07
N ASP D 79 -19.90 -4.34 20.14
CA ASP D 79 -21.11 -5.12 20.38
C ASP D 79 -21.62 -5.00 21.82
N VAL D 80 -20.75 -5.15 22.81
CA VAL D 80 -21.15 -5.26 24.22
C VAL D 80 -20.58 -4.20 25.17
N GLY D 81 -19.59 -3.43 24.70
CA GLY D 81 -19.00 -2.35 25.50
C GLY D 81 -17.90 -2.80 26.43
N PRO D 82 -17.13 -1.84 26.93
CA PRO D 82 -15.93 -2.18 27.73
C PRO D 82 -16.18 -2.85 29.09
N GLN D 83 -17.24 -2.49 29.81
CA GLN D 83 -17.53 -3.19 31.07
C GLN D 83 -17.77 -4.66 30.87
N ALA D 84 -18.55 -5.00 29.86
CA ALA D 84 -18.85 -6.38 29.55
C ALA D 84 -17.59 -7.17 29.16
N VAL D 85 -16.70 -6.57 28.38
CA VAL D 85 -15.47 -7.27 28.03
C VAL D 85 -14.66 -7.48 29.29
N GLN D 86 -14.61 -6.49 30.17
CA GLN D 86 -13.77 -6.59 31.36
C GLN D 86 -14.31 -7.68 32.29
N ASP D 87 -15.62 -7.71 32.47
CA ASP D 87 -16.25 -8.71 33.31
C ASP D 87 -16.17 -10.13 32.76
N LYS D 88 -16.44 -10.28 31.45
CA LYS D 88 -16.60 -11.59 30.82
C LYS D 88 -15.32 -12.20 30.26
N ILE D 89 -14.33 -11.35 30.00
CA ILE D 89 -13.09 -11.80 29.43
CA ILE D 89 -13.09 -11.81 29.45
C ILE D 89 -11.94 -11.38 30.35
N GLY D 90 -11.78 -10.08 30.55
CA GLY D 90 -10.77 -9.54 31.44
C GLY D 90 -9.82 -8.55 30.82
N ALA D 91 -9.00 -7.91 31.65
CA ALA D 91 -8.06 -6.92 31.22
C ALA D 91 -6.63 -7.10 31.77
N ASP D 92 -6.31 -8.28 32.33
CA ASP D 92 -5.04 -8.50 32.99
C ASP D 92 -4.12 -9.50 32.27
N PRO D 93 -2.81 -9.26 32.34
CA PRO D 93 -1.85 -10.25 31.82
C PRO D 93 -1.80 -11.46 32.71
N THR D 94 -1.46 -12.61 32.12
CA THR D 94 -1.51 -13.88 32.84
C THR D 94 -0.16 -14.28 33.46
N GLY D 95 0.93 -13.69 32.98
CA GLY D 95 2.28 -14.08 33.38
C GLY D 95 2.80 -15.36 32.74
N LEU D 96 2.04 -15.93 31.78
CA LEU D 96 2.23 -17.32 31.31
C LEU D 96 2.01 -17.44 29.78
N PRO D 97 2.45 -18.52 29.18
CA PRO D 97 2.40 -18.65 27.71
C PRO D 97 1.02 -18.53 27.08
N PHE D 98 1.07 -18.30 25.78
CA PHE D 98 -0.13 -18.05 24.97
C PHE D 98 -1.24 -19.03 25.17
N ASN D 99 -0.87 -20.28 25.46
CA ASN D 99 -1.84 -21.39 25.58
C ASN D 99 -1.93 -22.02 26.96
N SER D 100 -1.57 -21.27 28.00
CA SER D 100 -1.47 -21.81 29.36
C SER D 100 -2.80 -22.19 29.98
N VAL D 101 -2.97 -23.47 30.29
CA VAL D 101 -4.14 -23.88 31.10
C VAL D 101 -3.88 -23.75 32.57
N ILE D 102 -2.61 -23.64 32.98
CA ILE D 102 -2.27 -23.29 34.36
C ILE D 102 -2.84 -21.92 34.69
N ALA D 103 -2.72 -20.98 33.74
CA ALA D 103 -3.31 -19.65 33.94
C ALA D 103 -4.81 -19.68 34.19
N LEU D 104 -5.53 -20.51 33.47
CA LEU D 104 -6.98 -20.65 33.67
C LEU D 104 -7.34 -21.24 35.02
N GLU D 105 -6.70 -22.34 35.34
CA GLU D 105 -7.12 -23.07 36.54
C GLU D 105 -6.80 -22.21 37.80
N LEU D 106 -5.73 -21.44 37.75
CA LEU D 106 -5.40 -20.52 38.84
C LEU D 106 -6.39 -19.37 39.06
N HIS D 107 -7.19 -19.00 38.06
CA HIS D 107 -8.15 -17.88 38.16
C HIS D 107 -9.56 -18.37 37.98
N GLY D 108 -9.81 -19.59 38.45
CA GLY D 108 -11.14 -20.17 38.45
C GLY D 108 -11.78 -20.24 37.10
N GLY D 109 -10.96 -20.39 36.05
CA GLY D 109 -11.49 -20.53 34.72
C GLY D 109 -11.58 -19.20 33.94
N LYS D 110 -11.29 -18.07 34.60
CA LYS D 110 -11.38 -16.79 33.90
C LYS D 110 -10.16 -16.61 33.00
N PRO D 111 -10.34 -16.27 31.72
CA PRO D 111 -9.21 -16.19 30.79
C PRO D 111 -8.29 -14.97 30.93
N LEU D 112 -8.70 -13.97 31.70
CA LEU D 112 -7.93 -12.77 32.05
C LEU D 112 -7.67 -11.75 30.98
N SER D 113 -7.27 -12.19 29.78
CA SER D 113 -6.93 -11.30 28.68
C SER D 113 -7.55 -11.80 27.37
N PRO D 114 -8.15 -10.90 26.58
CA PRO D 114 -8.63 -11.26 25.24
C PRO D 114 -7.51 -11.59 24.27
N LEU D 115 -6.25 -11.41 24.68
CA LEU D 115 -5.10 -11.61 23.80
C LEU D 115 -4.29 -12.88 24.07
N VAL D 116 -4.65 -13.68 25.07
CA VAL D 116 -4.13 -15.07 25.15
C VAL D 116 -5.19 -15.94 24.42
N ASN D 117 -4.80 -17.13 24.03
CA ASN D 117 -5.71 -17.98 23.32
C ASN D 117 -7.06 -18.19 24.01
N ALA D 118 -7.03 -18.38 25.31
CA ALA D 118 -8.27 -18.64 26.04
C ALA D 118 -9.24 -17.43 25.97
N GLY D 119 -8.69 -16.25 26.29
CA GLY D 119 -9.45 -15.03 26.26
C GLY D 119 -9.93 -14.78 24.85
N ALA D 120 -9.12 -15.13 23.87
CA ALA D 120 -9.48 -14.83 22.49
C ALA D 120 -10.66 -15.69 22.03
N ILE D 121 -10.64 -16.96 22.41
CA ILE D 121 -11.73 -17.85 22.04
C ILE D 121 -13.01 -17.41 22.71
N ALA D 122 -12.89 -16.99 23.96
CA ALA D 122 -14.01 -16.44 24.70
C ALA D 122 -14.54 -15.16 24.09
N THR D 123 -13.64 -14.30 23.58
CA THR D 123 -14.03 -13.07 22.93
C THR D 123 -14.78 -13.34 21.62
N THR D 124 -14.23 -14.25 20.83
CA THR D 124 -14.91 -14.72 19.63
C THR D 124 -16.35 -15.19 19.97
N SER D 125 -16.50 -15.85 21.12
CA SER D 125 -17.82 -16.35 21.53
C SER D 125 -18.77 -15.25 22.01
N LEU D 126 -18.22 -14.09 22.35
CA LEU D 126 -18.98 -12.97 22.90
C LEU D 126 -19.63 -12.05 21.83
N ILE D 127 -19.13 -12.13 20.58
CA ILE D 127 -19.63 -11.36 19.43
C ILE D 127 -21.13 -11.63 19.28
N ASN D 128 -21.91 -10.60 18.94
CA ASN D 128 -23.31 -10.81 18.62
C ASN D 128 -23.45 -11.61 17.35
N ALA D 129 -24.23 -12.68 17.40
CA ALA D 129 -24.46 -13.48 16.20
C ALA D 129 -25.64 -14.43 16.39
N GLU D 130 -26.43 -14.65 15.34
CA GLU D 130 -27.53 -15.59 15.39
C GLU D 130 -27.09 -17.01 15.11
N ASN D 131 -26.01 -17.16 14.37
CA ASN D 131 -25.52 -18.47 14.01
C ASN D 131 -24.01 -18.40 13.71
N VAL D 132 -23.40 -19.56 13.50
CA VAL D 132 -21.95 -19.67 13.35
C VAL D 132 -21.47 -18.89 12.14
N GLU D 133 -22.23 -18.93 11.04
CA GLU D 133 -21.78 -18.26 9.83
C GLU D 133 -21.89 -16.75 9.89
N GLN D 134 -22.85 -16.24 10.66
CA GLN D 134 -22.92 -14.81 10.88
C GLN D 134 -21.74 -14.35 11.79
N ARG D 135 -21.45 -15.16 12.79
CA ARG D 135 -20.32 -14.90 13.67
C ARG D 135 -19.08 -14.69 12.82
N TRP D 136 -18.82 -15.62 11.91
CA TRP D 136 -17.65 -15.50 11.02
C TRP D 136 -17.69 -14.27 10.10
N GLN D 137 -18.82 -14.04 9.47
CA GLN D 137 -18.92 -12.96 8.49
C GLN D 137 -18.68 -11.60 9.17
N ARG D 138 -19.16 -11.45 10.40
CA ARG D 138 -19.03 -10.19 11.09
C ARG D 138 -17.56 -9.95 11.45
N ILE D 139 -16.88 -11.01 11.86
CA ILE D 139 -15.44 -10.91 12.16
C ILE D 139 -14.63 -10.65 10.90
N LEU D 140 -14.86 -11.39 9.84
CA LEU D 140 -14.15 -11.16 8.58
C LEU D 140 -14.37 -9.72 8.14
N HIS D 141 -15.60 -9.22 8.26
CA HIS D 141 -15.90 -7.85 7.83
C HIS D 141 -15.15 -6.81 8.63
N ILE D 142 -14.99 -6.97 9.94
CA ILE D 142 -14.25 -5.98 10.70
C ILE D 142 -12.75 -6.05 10.39
N GLN D 143 -12.20 -7.24 10.15
CA GLN D 143 -10.82 -7.36 9.65
C GLN D 143 -10.68 -6.53 8.36
N GLN D 144 -11.59 -6.70 7.41
CA GLN D 144 -11.49 -5.94 6.17
C GLN D 144 -11.63 -4.42 6.36
N GLN D 145 -12.52 -4.00 7.25
CA GLN D 145 -12.72 -2.57 7.50
C GLN D 145 -11.49 -1.96 8.18
N LEU D 146 -10.85 -2.74 9.06
CA LEU D 146 -9.73 -2.22 9.83
C LEU D 146 -8.43 -2.22 9.04
N ALA D 147 -8.19 -3.28 8.28
CA ALA D 147 -6.88 -3.51 7.67
C ALA D 147 -6.87 -3.44 6.15
N GLY D 148 -8.02 -3.70 5.53
CA GLY D 148 -8.15 -3.60 4.09
C GLY D 148 -9.05 -4.62 3.45
N GLU D 149 -9.73 -4.22 2.37
CA GLU D 149 -10.74 -5.06 1.75
C GLU D 149 -10.20 -6.36 1.14
N GLN D 150 -8.89 -6.43 0.86
CA GLN D 150 -8.33 -7.67 0.30
C GLN D 150 -8.09 -8.78 1.36
N VAL D 151 -8.19 -8.46 2.65
CA VAL D 151 -8.08 -9.49 3.67
C VAL D 151 -9.17 -10.56 3.44
N ALA D 152 -8.74 -11.80 3.40
CA ALA D 152 -9.60 -12.93 3.06
C ALA D 152 -9.05 -14.20 3.66
N LEU D 153 -9.94 -15.13 3.96
CA LEU D 153 -9.55 -16.46 4.48
C LEU D 153 -8.78 -17.31 3.44
N SER D 154 -7.69 -17.91 3.89
CA SER D 154 -6.94 -18.90 3.09
C SER D 154 -7.54 -20.22 3.41
N ASP D 155 -8.11 -20.88 2.40
CA ASP D 155 -8.66 -22.21 2.65
C ASP D 155 -7.59 -23.21 3.10
N GLU D 156 -6.39 -23.11 2.51
CA GLU D 156 -5.28 -23.97 2.90
C GLU D 156 -4.91 -23.81 4.38
N VAL D 157 -4.79 -22.57 4.82
CA VAL D 157 -4.40 -22.32 6.22
C VAL D 157 -5.53 -22.82 7.11
N ASN D 158 -6.77 -22.49 6.76
CA ASN D 158 -7.91 -22.83 7.60
C ASN D 158 -8.03 -24.35 7.74
N GLN D 159 -7.93 -25.07 6.62
CA GLN D 159 -8.08 -26.52 6.65
C GLN D 159 -7.02 -27.19 7.52
N SER D 160 -5.79 -26.75 7.41
CA SER D 160 -4.68 -27.20 8.25
C SER D 160 -4.87 -26.90 9.72
N GLU D 161 -5.36 -25.69 10.02
CA GLU D 161 -5.47 -25.23 11.40
C GLU D 161 -6.60 -26.00 12.06
N GLN D 162 -7.70 -26.18 11.32
CA GLN D 162 -8.92 -26.81 11.85
C GLN D 162 -8.69 -28.29 12.16
N THR D 163 -7.70 -28.88 11.53
CA THR D 163 -7.40 -30.32 11.74
C THR D 163 -6.22 -30.54 12.66
N THR D 164 -5.69 -29.48 13.26
CA THR D 164 -4.55 -29.61 14.20
C THR D 164 -4.74 -28.85 15.50
N ASN D 165 -5.91 -28.26 15.68
CA ASN D 165 -6.13 -27.34 16.78
C ASN D 165 -6.71 -28.02 18.04
N PHE D 166 -6.26 -29.23 18.31
CA PHE D 166 -6.75 -30.00 19.48
C PHE D 166 -6.60 -29.25 20.81
N HIS D 167 -5.51 -28.52 21.00
CA HIS D 167 -5.30 -27.88 22.28
C HIS D 167 -6.26 -26.70 22.47
N ASN D 168 -6.60 -25.98 21.39
CA ASN D 168 -7.68 -24.98 21.45
C ASN D 168 -9.07 -25.56 21.69
N ARG D 169 -9.32 -26.79 21.24
CA ARG D 169 -10.56 -27.47 21.55
C ARG D 169 -10.68 -27.73 23.02
N ALA D 170 -9.57 -28.17 23.61
CA ALA D 170 -9.49 -28.31 25.07
C ALA D 170 -9.78 -27.02 25.85
N ILE D 171 -9.12 -25.93 25.44
CA ILE D 171 -9.33 -24.63 26.07
C ILE D 171 -10.78 -24.18 25.93
N ALA D 172 -11.38 -24.37 24.78
CA ALA D 172 -12.77 -24.00 24.62
C ALA D 172 -13.64 -24.72 25.63
N TRP D 173 -13.43 -26.03 25.80
CA TRP D 173 -14.23 -26.78 26.77
C TRP D 173 -13.96 -26.36 28.20
N LEU D 174 -12.72 -25.97 28.53
CA LEU D 174 -12.40 -25.48 29.86
C LEU D 174 -13.17 -24.17 30.13
N LEU D 175 -13.20 -23.28 29.14
CA LEU D 175 -13.93 -22.05 29.23
C LEU D 175 -15.45 -22.32 29.40
N TYR D 176 -16.02 -23.20 28.57
CA TYR D 176 -17.41 -23.52 28.58
C TYR D 176 -17.79 -24.10 29.96
N SER D 177 -16.98 -25.05 30.41
CA SER D 177 -17.17 -25.66 31.73
C SER D 177 -17.20 -24.66 32.88
N ALA D 178 -16.37 -23.62 32.82
CA ALA D 178 -16.22 -22.65 33.89
C ALA D 178 -17.22 -21.50 33.79
N GLY D 179 -17.97 -21.44 32.71
CA GLY D 179 -18.90 -20.33 32.54
C GLY D 179 -18.32 -19.11 31.83
N TYR D 180 -17.15 -19.24 31.18
CA TYR D 180 -16.52 -18.14 30.45
C TYR D 180 -16.48 -18.34 28.94
N LEU D 181 -17.49 -19.02 28.44
CA LEU D 181 -17.73 -19.16 27.01
C LEU D 181 -19.17 -18.88 26.76
N TYR D 182 -19.43 -18.07 25.72
CA TYR D 182 -20.74 -17.45 25.55
C TYR D 182 -21.49 -17.92 24.31
N CYS D 183 -20.99 -18.96 23.68
CA CYS D 183 -21.71 -19.71 22.67
C CYS D 183 -21.24 -21.18 22.72
N ASP D 184 -21.78 -22.00 21.84
CA ASP D 184 -21.37 -23.41 21.67
C ASP D 184 -19.86 -23.49 21.56
N ALA D 185 -19.25 -24.45 22.26
CA ALA D 185 -17.78 -24.53 22.34
C ALA D 185 -17.13 -24.74 21.01
N MET D 186 -17.66 -25.65 20.23
CA MET D 186 -16.96 -25.94 19.01
C MET D 186 -17.24 -24.86 17.94
N GLU D 187 -18.32 -24.11 18.11
CA GLU D 187 -18.60 -22.99 17.20
C GLU D 187 -17.56 -21.91 17.51
N ALA D 188 -17.30 -21.65 18.80
CA ALA D 188 -16.29 -20.67 19.16
C ALA D 188 -14.91 -21.08 18.63
N CYS D 189 -14.56 -22.35 18.81
CA CYS D 189 -13.23 -22.81 18.42
C CYS D 189 -13.08 -22.72 16.89
N ASP D 190 -14.10 -23.16 16.17
CA ASP D 190 -14.17 -23.02 14.71
C ASP D 190 -13.92 -21.60 14.21
N VAL D 191 -14.74 -20.65 14.65
CA VAL D 191 -14.62 -19.27 14.20
C VAL D 191 -13.29 -18.66 14.59
N TYR D 192 -12.77 -18.92 15.82
CA TYR D 192 -11.45 -18.46 16.24
C TYR D 192 -10.37 -18.98 15.26
N THR D 193 -10.49 -20.25 14.84
CA THR D 193 -9.59 -20.83 13.86
C THR D 193 -9.67 -20.13 12.52
N ARG D 194 -10.87 -19.84 12.06
CA ARG D 194 -11.00 -19.11 10.82
C ARG D 194 -10.36 -17.72 10.86
N GLN D 195 -10.63 -17.00 11.95
CA GLN D 195 -10.17 -15.62 12.07
C GLN D 195 -8.66 -15.53 12.03
N CYS D 196 -7.96 -16.58 12.48
CA CYS D 196 -6.49 -16.68 12.44
C CYS D 196 -5.95 -17.08 11.06
N SER D 197 -6.85 -17.49 10.15
CA SER D 197 -6.48 -18.10 8.88
C SER D 197 -6.66 -17.14 7.66
N THR D 198 -6.85 -15.86 7.94
CA THR D 198 -6.85 -14.86 6.86
C THR D 198 -5.43 -14.43 6.53
N LEU D 199 -5.26 -13.86 5.34
CA LEU D 199 -3.98 -13.34 4.85
C LEU D 199 -4.01 -11.87 4.63
N LEU D 200 -2.89 -11.23 4.96
CA LEU D 200 -2.73 -9.77 4.77
C LEU D 200 -1.27 -9.42 4.57
N ASN D 201 -0.98 -8.26 3.97
CA ASN D 201 0.38 -7.89 3.72
C ASN D 201 0.77 -6.86 4.80
N THR D 202 2.00 -6.42 4.75
CA THR D 202 2.56 -5.61 5.82
C THR D 202 1.90 -4.20 5.82
N ILE D 203 1.57 -3.70 4.62
CA ILE D 203 0.86 -2.42 4.57
C ILE D 203 -0.54 -2.50 5.22
N GLU D 204 -1.23 -3.59 4.98
CA GLU D 204 -2.54 -3.85 5.58
C GLU D 204 -2.39 -4.02 7.10
N LEU D 205 -1.33 -4.67 7.54
CA LEU D 205 -1.11 -4.80 8.97
C LEU D 205 -0.88 -3.42 9.58
N ALA D 206 -0.06 -2.59 8.94
CA ALA D 206 0.16 -1.22 9.39
C ALA D 206 -1.13 -0.38 9.37
N THR D 207 -2.00 -0.72 8.43
CA THR D 207 -3.28 -0.04 8.34
C THR D 207 -4.14 -0.33 9.56
N LEU D 208 -4.16 -1.59 10.02
CA LEU D 208 -4.82 -1.93 11.27
C LEU D 208 -4.33 -1.04 12.40
N GLY D 209 -3.03 -0.91 12.51
CA GLY D 209 -2.49 -0.05 13.52
C GLY D 209 -2.83 1.40 13.33
N ALA D 210 -2.91 1.84 12.08
CA ALA D 210 -3.22 3.23 11.77
C ALA D 210 -4.68 3.57 12.05
N THR D 211 -5.56 2.60 11.82
CA THR D 211 -6.95 2.79 12.16
C THR D 211 -7.10 2.97 13.67
N LEU D 212 -6.37 2.18 14.43
CA LEU D 212 -6.32 2.38 15.87
C LEU D 212 -5.69 3.70 16.30
N ALA D 213 -4.59 4.05 15.64
CA ALA D 213 -3.89 5.33 15.92
C ALA D 213 -4.82 6.52 15.69
N ALA D 214 -5.68 6.42 14.68
CA ALA D 214 -6.57 7.47 14.26
C ALA D 214 -7.86 7.51 15.10
N GLY D 215 -7.92 6.75 16.17
CA GLY D 215 -9.09 6.70 17.02
C GLY D 215 -10.29 5.97 16.42
N GLY D 216 -10.00 5.04 15.51
CA GLY D 216 -11.01 4.17 14.96
C GLY D 216 -11.44 4.47 13.56
N VAL D 217 -10.71 5.35 12.89
CA VAL D 217 -11.00 5.74 11.51
C VAL D 217 -9.90 5.11 10.64
N ASN D 218 -10.25 4.34 9.62
CA ASN D 218 -9.29 3.77 8.69
C ASN D 218 -8.83 4.96 7.85
N PRO D 219 -7.53 5.31 7.92
CA PRO D 219 -7.05 6.52 7.25
C PRO D 219 -6.85 6.35 5.74
N LEU D 220 -7.01 5.15 5.20
CA LEU D 220 -6.97 4.91 3.76
C LEU D 220 -8.33 4.92 3.10
N THR D 221 -9.35 4.39 3.78
CA THR D 221 -10.69 4.46 3.27
C THR D 221 -11.42 5.67 3.81
N HIS D 222 -10.85 6.37 4.80
CA HIS D 222 -11.44 7.55 5.47
C HIS D 222 -12.81 7.27 5.98
N LYS D 223 -12.93 6.17 6.67
CA LYS D 223 -14.18 5.73 7.23
C LYS D 223 -14.03 5.32 8.68
N ARG D 224 -14.98 5.75 9.51
CA ARG D 224 -14.96 5.36 10.92
C ARG D 224 -15.49 3.93 11.04
N VAL D 225 -14.68 3.07 11.64
CA VAL D 225 -14.98 1.67 11.88
C VAL D 225 -15.32 1.43 13.34
N LEU D 226 -14.60 2.10 14.24
CA LEU D 226 -14.79 1.93 15.67
C LEU D 226 -15.11 3.25 16.33
N GLN D 227 -15.83 3.20 17.46
CA GLN D 227 -16.01 4.39 18.29
C GLN D 227 -14.68 4.77 18.95
N ALA D 228 -14.34 6.05 18.93
CA ALA D 228 -13.05 6.51 19.45
C ALA D 228 -12.87 6.09 20.88
N ASP D 229 -13.93 6.17 21.67
CA ASP D 229 -13.88 5.80 23.08
C ASP D 229 -13.48 4.35 23.36
N ASN D 230 -13.68 3.47 22.39
CA ASN D 230 -13.30 2.07 22.58
C ASN D 230 -11.85 1.80 22.32
N VAL D 231 -11.17 2.65 21.55
CA VAL D 231 -9.78 2.35 21.18
C VAL D 231 -8.77 2.26 22.33
N PRO D 232 -8.82 3.15 23.31
CA PRO D 232 -7.88 2.99 24.45
C PRO D 232 -7.96 1.65 25.12
N TYR D 233 -9.14 1.02 25.16
CA TYR D 233 -9.29 -0.26 25.79
C TYR D 233 -8.48 -1.32 25.00
N ILE D 234 -8.57 -1.24 23.68
CA ILE D 234 -7.84 -2.13 22.76
C ILE D 234 -6.33 -2.00 22.98
N LEU D 235 -5.87 -0.76 23.02
CA LEU D 235 -4.44 -0.49 23.13
C LEU D 235 -3.90 -0.90 24.52
N ALA D 236 -4.67 -0.68 25.57
CA ALA D 236 -4.31 -1.11 26.91
C ALA D 236 -4.16 -2.62 26.95
N GLU D 237 -5.09 -3.34 26.32
CA GLU D 237 -5.01 -4.82 26.31
C GLU D 237 -3.75 -5.28 25.55
N MET D 238 -3.46 -4.60 24.44
CA MET D 238 -2.25 -4.89 23.68
C MET D 238 -0.97 -4.58 24.53
N MET D 239 -0.94 -3.48 25.21
CA MET D 239 0.24 -3.12 26.05
C MET D 239 0.46 -4.24 27.07
N MET D 240 -0.61 -4.80 27.64
CA MET D 240 -0.44 -5.79 28.69
CA MET D 240 -0.48 -5.82 28.68
C MET D 240 -0.04 -7.18 28.21
N GLU D 241 -0.45 -7.57 27.01
CA GLU D 241 -0.35 -8.95 26.62
C GLU D 241 -0.07 -9.22 25.12
N GLY D 242 0.12 -8.18 24.34
CA GLY D 242 0.15 -8.32 22.90
C GLY D 242 1.32 -9.12 22.30
N LEU D 243 2.43 -9.14 23.04
CA LEU D 243 3.61 -9.97 22.71
C LEU D 243 3.83 -11.09 23.73
N TYR D 244 2.74 -11.50 24.37
CA TYR D 244 2.73 -12.65 25.27
C TYR D 244 3.63 -12.35 26.44
N GLY D 245 4.49 -13.29 26.80
CA GLY D 245 5.29 -13.15 28.00
C GLY D 245 6.44 -12.16 27.82
N ARG D 246 6.59 -11.61 26.61
CA ARG D 246 7.56 -10.54 26.35
C ARG D 246 6.91 -9.17 26.15
N SER D 247 5.64 -9.03 26.50
CA SER D 247 4.96 -7.73 26.47
C SER D 247 5.64 -6.66 27.35
N GLY D 248 6.04 -7.08 28.54
CA GLY D 248 6.74 -6.17 29.47
C GLY D 248 8.02 -5.68 28.86
N ASP D 249 8.77 -6.60 28.31
CA ASP D 249 10.02 -6.27 27.62
C ASP D 249 9.84 -5.31 26.46
N TRP D 250 8.79 -5.56 25.70
CA TRP D 250 8.41 -4.67 24.60
C TRP D 250 8.00 -3.27 25.14
N ALA D 251 7.22 -3.23 26.21
CA ALA D 251 6.88 -1.96 26.81
C ALA D 251 8.11 -1.22 27.29
N TYR D 252 9.08 -1.96 27.87
CA TYR D 252 10.29 -1.42 28.44
C TYR D 252 11.20 -0.81 27.36
N ARG D 253 11.35 -1.51 26.24
CA ARG D 253 12.31 -1.10 25.23
C ARG D 253 11.72 -0.21 24.18
N VAL D 254 10.46 -0.44 23.82
CA VAL D 254 9.82 0.27 22.74
C VAL D 254 8.76 1.29 23.24
N GLY D 255 7.97 0.88 24.23
CA GLY D 255 6.91 1.75 24.76
C GLY D 255 5.73 2.07 23.87
N LEU D 256 5.38 1.15 22.98
CA LEU D 256 4.20 1.28 22.14
C LEU D 256 3.34 0.02 22.24
N PRO D 257 2.04 0.17 22.33
CA PRO D 257 1.18 -1.01 22.35
C PRO D 257 1.34 -1.79 21.06
N GLY D 258 1.52 -3.09 21.18
CA GLY D 258 1.79 -3.94 20.04
C GLY D 258 1.15 -5.29 20.08
N LYS D 259 1.31 -6.02 18.98
CA LYS D 259 0.79 -7.34 18.86
C LYS D 259 1.63 -8.15 17.88
N SER D 260 1.80 -9.43 18.20
CA SER D 260 2.50 -10.38 17.33
C SER D 260 1.56 -11.47 16.85
N GLY D 261 1.96 -12.14 15.76
CA GLY D 261 1.32 -13.36 15.30
C GLY D 261 2.35 -14.34 14.75
N VAL D 262 1.99 -15.62 14.72
CA VAL D 262 2.99 -16.64 14.29
C VAL D 262 3.19 -16.70 12.78
N GLY D 263 2.43 -15.92 12.02
CA GLY D 263 2.74 -15.68 10.61
C GLY D 263 3.94 -14.79 10.39
N GLY D 264 4.44 -14.17 11.45
CA GLY D 264 5.65 -13.36 11.40
C GLY D 264 5.36 -11.87 11.47
N GLY D 265 4.12 -11.50 11.70
CA GLY D 265 3.75 -10.09 11.82
C GLY D 265 4.00 -9.50 13.18
N ILE D 266 4.43 -8.22 13.21
CA ILE D 266 4.50 -7.43 14.42
C ILE D 266 3.82 -6.09 14.12
N LEU D 267 2.91 -5.70 14.97
CA LEU D 267 2.19 -4.42 14.86
C LEU D 267 2.48 -3.54 16.07
N ALA D 268 2.68 -2.26 15.85
CA ALA D 268 2.63 -1.31 16.94
C ALA D 268 1.87 -0.06 16.57
N VAL D 269 1.30 0.55 17.58
CA VAL D 269 0.45 1.74 17.43
C VAL D 269 1.04 2.95 18.14
N VAL D 270 1.19 4.05 17.41
CA VAL D 270 1.54 5.33 18.04
C VAL D 270 0.24 6.13 18.13
N PRO D 271 -0.36 6.21 19.31
CA PRO D 271 -1.67 6.89 19.46
C PRO D 271 -1.69 8.26 18.84
N GLY D 272 -2.68 8.51 17.96
CA GLY D 272 -2.77 9.80 17.29
C GLY D 272 -1.87 10.09 16.13
N VAL D 273 -1.03 9.12 15.75
CA VAL D 273 0.04 9.40 14.76
C VAL D 273 0.14 8.38 13.63
N MET D 274 0.38 7.12 13.93
CA MET D 274 0.62 6.12 12.90
C MET D 274 0.53 4.70 13.42
N GLY D 275 0.33 3.78 12.47
CA GLY D 275 0.62 2.39 12.65
C GLY D 275 1.99 2.07 12.10
N ILE D 276 2.72 1.21 12.81
CA ILE D 276 3.99 0.67 12.34
C ILE D 276 3.88 -0.85 12.34
N ALA D 277 4.22 -1.48 11.21
CA ALA D 277 4.17 -2.93 11.13
C ALA D 277 5.41 -3.49 10.43
N ALA D 278 5.67 -4.75 10.70
CA ALA D 278 6.72 -5.45 9.97
C ALA D 278 6.41 -6.90 9.97
N PHE D 279 7.17 -7.62 9.15
CA PHE D 279 6.94 -9.01 8.93
C PHE D 279 8.22 -9.71 8.59
N SER D 280 8.41 -10.88 9.18
CA SER D 280 9.39 -11.86 8.66
C SER D 280 9.10 -13.17 9.33
N PRO D 281 9.05 -14.25 8.57
CA PRO D 281 8.59 -15.52 9.13
C PRO D 281 9.36 -16.10 10.37
N PRO D 282 10.68 -15.99 10.49
CA PRO D 282 11.35 -16.61 11.64
C PRO D 282 10.99 -15.98 12.97
N LEU D 283 10.54 -16.83 13.89
CA LEU D 283 10.08 -16.45 15.21
C LEU D 283 11.07 -16.82 16.31
N ASP D 284 11.15 -16.01 17.35
CA ASP D 284 11.90 -16.33 18.56
C ASP D 284 11.14 -17.32 19.43
N GLU D 285 11.69 -17.63 20.61
CA GLU D 285 11.10 -18.67 21.43
C GLU D 285 9.77 -18.27 22.07
N ASP D 286 9.40 -16.99 22.03
CA ASP D 286 8.09 -16.56 22.51
C ASP D 286 7.08 -16.36 21.36
N GLY D 287 7.44 -16.81 20.16
CA GLY D 287 6.53 -16.81 19.02
C GLY D 287 6.48 -15.47 18.28
N ASN D 288 7.44 -14.60 18.54
CA ASN D 288 7.47 -13.24 18.00
C ASN D 288 8.58 -13.10 16.97
N SER D 289 8.26 -12.57 15.79
CA SER D 289 9.23 -12.46 14.69
C SER D 289 10.53 -11.80 15.14
N VAL D 290 11.70 -12.37 14.82
CA VAL D 290 12.98 -11.81 15.26
C VAL D 290 13.24 -10.49 14.58
N ARG D 291 13.13 -10.49 13.25
CA ARG D 291 13.37 -9.29 12.46
C ARG D 291 12.20 -8.33 12.58
N GLY D 292 11.02 -8.90 12.68
CA GLY D 292 9.80 -8.10 12.74
C GLY D 292 9.88 -7.15 13.95
N GLN D 293 10.27 -7.72 15.09
CA GLN D 293 10.41 -6.93 16.31
C GLN D 293 11.44 -5.84 16.18
N LYS D 294 12.63 -6.17 15.64
CA LYS D 294 13.67 -5.18 15.58
C LYS D 294 13.37 -4.06 14.60
N MET D 295 12.72 -4.41 13.49
CA MET D 295 12.35 -3.41 12.50
C MET D 295 11.32 -2.41 13.02
N VAL D 296 10.24 -2.88 13.66
CA VAL D 296 9.29 -1.95 14.29
C VAL D 296 9.92 -1.10 15.39
N ALA D 297 10.71 -1.73 16.26
CA ALA D 297 11.43 -1.03 17.32
C ALA D 297 12.31 0.05 16.73
N SER D 298 13.01 -0.27 15.65
CA SER D 298 13.92 0.69 15.00
C SER D 298 13.23 1.93 14.50
N VAL D 299 12.14 1.72 13.76
CA VAL D 299 11.34 2.83 13.31
C VAL D 299 10.88 3.71 14.46
N ALA D 300 10.30 3.09 15.49
CA ALA D 300 9.82 3.85 16.62
C ALA D 300 10.94 4.64 17.31
N LYS D 301 12.10 4.03 17.47
CA LYS D 301 13.26 4.67 18.11
C LYS D 301 13.79 5.83 17.27
N GLN D 302 13.96 5.60 15.99
CA GLN D 302 14.41 6.63 15.04
C GLN D 302 13.51 7.86 15.05
N LEU D 303 12.19 7.63 15.12
CA LEU D 303 11.21 8.71 15.08
C LEU D 303 10.86 9.26 16.50
N GLY D 304 11.31 8.59 17.53
CA GLY D 304 11.18 9.05 18.90
C GLY D 304 9.81 8.80 19.53
N TYR D 305 9.11 7.76 19.10
CA TYR D 305 7.79 7.49 19.64
C TYR D 305 7.81 6.44 20.75
N ASN D 306 7.14 6.78 21.84
CA ASN D 306 7.09 5.98 23.07
C ASN D 306 6.08 6.65 23.95
N VAL D 307 5.05 5.92 24.35
CA VAL D 307 3.94 6.53 25.10
C VAL D 307 4.35 6.93 26.53
N PHE D 308 5.53 6.47 26.96
CA PHE D 308 6.06 6.83 28.26
C PHE D 308 7.03 8.01 28.22
N LYS D 309 7.14 8.68 27.07
CA LYS D 309 7.91 9.92 26.89
C LYS D 309 6.93 11.07 26.63
N GLY D 310 7.03 12.17 27.38
CA GLY D 310 6.21 13.33 27.10
C GLY D 310 6.56 13.98 25.77
#